data_4OU3
#
_entry.id   4OU3
#
_cell.length_a   260.323
_cell.length_b   62.879
_cell.length_c   82.023
_cell.angle_alpha   90.00
_cell.angle_beta   100.59
_cell.angle_gamma   90.00
#
_symmetry.space_group_name_H-M   'C 1 2 1'
#
loop_
_entity.id
_entity.type
_entity.pdbx_description
1 polymer 'Aminopeptidase N'
2 polymer 'tumor-homing peptide'
3 branched 2-acetamido-2-deoxy-beta-D-glucopyranose-(1-4)-2-acetamido-2-deoxy-beta-D-glucopyranose
4 non-polymer 'ZINC ION'
5 non-polymer 2-acetamido-2-deoxy-beta-D-glucopyranose
6 non-polymer 'SULFATE ION'
7 water water
#
loop_
_entity_poly.entity_id
_entity_poly.type
_entity_poly.pdbx_seq_one_letter_code
_entity_poly.pdbx_strand_id
1 'polypeptide(L)'
;QSKPWNRYRLPTTLLPDSYNVTLRPYLTPNADGLYIFKGKSIVRFLCQEPTDVIIIHSKKLNYTTQGHMVVLRGVGDSQV
PEIDRTELVELTEYLVVHLKGSLQPGHMYEMESEFQGELADDLAGFYRSEYMEGNVKKVLATTQMQSTDARKSFPCFDEP
AMKATFNITLIHPNNLTALSNMPPKGSSTPLAEDPNWSVTEFETTPVMSTYLLAYIVSEFQSVNETAQNGVLIRIWARPN
AIAEGHGMYALNVTGPILNFFANHYNTSYPLPKSDQIALPDFNAGAMENWGLVTYRENALLFDPQSSSISNKERVVTVIA
HELAHQWFGNLVTLAWWNDLWLNEGFASYVEYLGADHAEPTWNLKDLIVPGDVYRVMAVDALASSHPLTTPAEEVNTPAQ
ISEMFDSISYSKGASVIRMLSNFLTEDLFKEGLASYLHAFAYQNTTYLDLWEHLQKAVDAQTSIRLPDTVRAIMDRWTLQ
MGFPVITVDTKTGNISQKHFLLDSESNVTRSSAFDYLWIVPISSIKNGVMQDHYWLRDVSQAQNDLFKTASDDWVLLNVN
VTGYFQVNYDEDNWRMIQHQLQTNLSVIPVINRAQVIYDSFNLATAHMVPVTLALDNTLFLNGEKEYMPWQAALSSLSYF
SLMFDRSEVYGPMKKYLRKQVEPLFQHFETLTKNWTERPENLMDQYSEINAISTACSNGLPQCENLAKTLFDQWMSDPEN
NPIHPNLRSTIYCNAIAQGGQDQWDFAWGQLQQAQLVNEADKLRSALACSNEVWLLNRYLGYTLNPDLIRKQDATSTINS
IASNVIGQPLAWDFVQSNWKKLFQDYGGGSFSFSNLIQGVTRRFSSEFELQQLEQFKKNNMDVGFGSGTRALEQALEKTK
ANIKWVKENKEVVLNWFIEHSSHHHHHH
;
A
2 'polypeptide(L)' CNGRCG B
#
loop_
_chem_comp.id
_chem_comp.type
_chem_comp.name
_chem_comp.formula
NAG D-saccharide, beta linking 2-acetamido-2-deoxy-beta-D-glucopyranose 'C8 H15 N O6'
SO4 non-polymer 'SULFATE ION' 'O4 S -2'
ZN non-polymer 'ZINC ION' 'Zn 2'
#
# COMPACT_ATOMS: atom_id res chain seq x y z
N GLN A 1 14.62 -3.66 38.29
CA GLN A 1 14.50 -4.88 39.14
C GLN A 1 13.68 -5.99 38.46
N SER A 2 12.79 -5.60 37.56
CA SER A 2 12.15 -6.57 36.66
C SER A 2 13.26 -7.42 36.01
N LYS A 3 12.96 -8.70 35.76
CA LYS A 3 13.91 -9.62 35.14
C LYS A 3 14.00 -9.31 33.66
N PRO A 4 15.21 -9.31 33.08
CA PRO A 4 15.32 -8.84 31.67
C PRO A 4 14.53 -9.68 30.66
N TRP A 5 14.28 -10.95 30.99
CA TRP A 5 13.56 -11.80 30.07
C TRP A 5 12.05 -11.53 30.08
N ASN A 6 11.59 -10.66 30.98
CA ASN A 6 10.24 -10.19 31.00
C ASN A 6 10.11 -8.78 30.40
N ARG A 7 11.20 -8.27 29.81
CA ARG A 7 11.18 -7.02 29.06
C ARG A 7 11.19 -7.30 27.56
N TYR A 8 10.50 -6.48 26.80
CA TYR A 8 10.31 -6.76 25.37
C TYR A 8 11.52 -6.43 24.53
N ARG A 9 12.31 -5.43 24.96
CA ARG A 9 13.55 -5.10 24.26
C ARG A 9 14.71 -5.97 24.75
N LEU A 10 15.54 -6.41 23.82
CA LEU A 10 16.73 -7.21 24.17
C LEU A 10 17.71 -6.40 25.02
N PRO A 11 18.49 -7.08 25.87
CA PRO A 11 19.65 -6.43 26.49
C PRO A 11 20.61 -5.92 25.43
N THR A 12 21.45 -4.98 25.82
CA THR A 12 22.52 -4.55 24.94
C THR A 12 23.89 -5.17 25.30
N THR A 13 23.89 -6.15 26.19
CA THR A 13 25.10 -6.70 26.76
C THR A 13 25.81 -7.65 25.78
N LEU A 14 25.04 -8.23 24.86
CA LEU A 14 25.54 -9.18 23.85
C LEU A 14 25.10 -8.73 22.45
N LEU A 15 26.04 -8.70 21.52
CA LEU A 15 25.76 -8.33 20.15
C LEU A 15 26.26 -9.39 19.17
N PRO A 16 25.44 -9.71 18.17
CA PRO A 16 25.79 -10.80 17.27
C PRO A 16 26.82 -10.35 16.27
N ASP A 17 27.66 -11.30 15.86
CA ASP A 17 28.67 -11.07 14.82
C ASP A 17 28.27 -11.77 13.52
N SER A 18 27.89 -13.03 13.62
CA SER A 18 27.58 -13.85 12.45
C SER A 18 26.82 -15.12 12.83
N TYR A 19 26.07 -15.62 11.87
CA TYR A 19 25.24 -16.78 12.07
C TYR A 19 25.49 -17.80 10.92
N ASN A 20 25.52 -19.06 11.32
CA ASN A 20 25.24 -20.16 10.43
C ASN A 20 23.84 -20.67 10.70
N VAL A 21 23.08 -20.86 9.63
CA VAL A 21 21.72 -21.36 9.73
C VAL A 21 21.49 -22.38 8.64
N THR A 22 21.08 -23.59 9.03
CA THR A 22 20.67 -24.65 8.09
C THR A 22 19.21 -24.99 8.33
N LEU A 23 18.41 -24.88 7.28
CA LEU A 23 16.98 -25.16 7.37
C LEU A 23 16.62 -26.28 6.41
N ARG A 24 15.67 -27.11 6.84
CA ARG A 24 15.26 -28.28 6.05
C ARG A 24 13.75 -28.38 6.13
N PRO A 25 13.05 -27.87 5.11
CA PRO A 25 11.61 -28.03 5.11
C PRO A 25 11.24 -29.45 4.68
N TYR A 26 10.21 -29.99 5.29
CA TYR A 26 9.66 -31.30 4.88
C TYR A 26 8.33 -31.02 4.17
N LEU A 27 8.39 -31.02 2.84
CA LEU A 27 7.23 -30.69 2.04
C LEU A 27 6.19 -31.80 1.94
N THR A 28 6.51 -32.98 2.46
CA THR A 28 5.53 -34.06 2.58
C THR A 28 5.05 -34.12 4.03
N PRO A 29 3.73 -34.05 4.27
CA PRO A 29 3.31 -33.99 5.67
C PRO A 29 3.45 -35.38 6.30
N ASN A 30 3.37 -35.47 7.63
CA ASN A 30 3.26 -36.76 8.33
C ASN A 30 1.83 -37.30 8.23
N ALA A 31 1.53 -38.39 8.95
CA ALA A 31 0.24 -39.06 8.84
C ALA A 31 -0.96 -38.18 9.18
N ASP A 32 -0.78 -37.24 10.10
CA ASP A 32 -1.87 -36.42 10.57
C ASP A 32 -1.96 -35.11 9.79
N GLY A 33 -1.13 -34.98 8.77
CA GLY A 33 -1.12 -33.80 7.91
C GLY A 33 -0.34 -32.66 8.52
N LEU A 34 0.60 -32.96 9.41
CA LEU A 34 1.46 -31.92 9.93
C LEU A 34 2.70 -31.76 9.06
N TYR A 35 2.95 -30.53 8.62
CA TYR A 35 4.18 -30.21 7.92
C TYR A 35 5.17 -29.56 8.89
N ILE A 36 6.42 -30.01 8.86
CA ILE A 36 7.47 -29.39 9.70
C ILE A 36 8.69 -28.96 8.92
N PHE A 37 9.52 -28.14 9.57
CA PHE A 37 10.88 -27.90 9.09
C PHE A 37 11.77 -28.16 10.27
N LYS A 38 12.99 -28.55 9.98
CA LYS A 38 14.00 -28.71 10.98
C LYS A 38 15.12 -27.75 10.67
N GLY A 39 15.86 -27.38 11.69
CA GLY A 39 16.95 -26.45 11.53
C GLY A 39 18.07 -26.68 12.54
N LYS A 40 19.24 -26.14 12.20
CA LYS A 40 20.36 -26.11 13.10
C LYS A 40 20.99 -24.73 12.92
N SER A 41 21.41 -24.11 14.01
CA SER A 41 22.05 -22.81 13.90
C SER A 41 23.21 -22.67 14.84
N ILE A 42 24.18 -21.87 14.42
CA ILE A 42 25.18 -21.40 15.34
C ILE A 42 25.28 -19.88 15.25
N VAL A 43 25.10 -19.20 16.38
CA VAL A 43 25.30 -17.73 16.42
C VAL A 43 26.58 -17.45 17.16
N ARG A 44 27.43 -16.67 16.55
CA ARG A 44 28.58 -16.11 17.19
C ARG A 44 28.29 -14.66 17.61
N PHE A 45 28.49 -14.38 18.88
CA PHE A 45 28.25 -13.09 19.46
C PHE A 45 29.39 -12.63 20.36
N LEU A 46 29.41 -11.32 20.63
CA LEU A 46 30.44 -10.69 21.43
C LEU A 46 29.85 -10.11 22.72
N CYS A 47 30.55 -10.29 23.81
CA CYS A 47 30.12 -9.75 25.07
C CYS A 47 30.57 -8.29 25.18
N GLN A 48 29.63 -7.38 25.36
CA GLN A 48 30.00 -5.97 25.58
C GLN A 48 30.09 -5.65 27.05
N GLU A 49 29.18 -6.20 27.83
CA GLU A 49 29.16 -5.99 29.31
C GLU A 49 28.97 -7.38 29.97
N PRO A 50 29.61 -7.62 31.13
CA PRO A 50 29.47 -8.93 31.79
C PRO A 50 28.00 -9.24 32.09
N THR A 51 27.63 -10.48 31.87
CA THR A 51 26.28 -10.94 32.13
C THR A 51 26.36 -12.45 32.27
N ASP A 52 25.50 -12.97 33.14
CA ASP A 52 25.37 -14.42 33.38
C ASP A 52 24.09 -15.00 32.74
N VAL A 53 23.54 -14.26 31.77
CA VAL A 53 22.35 -14.73 31.06
C VAL A 53 22.44 -14.36 29.57
N ILE A 54 22.00 -15.26 28.68
CA ILE A 54 21.90 -14.96 27.26
C ILE A 54 20.42 -14.96 26.92
N ILE A 55 19.97 -13.88 26.34
CA ILE A 55 18.59 -13.74 25.96
C ILE A 55 18.57 -13.54 24.46
N ILE A 56 17.87 -14.42 23.76
CA ILE A 56 17.78 -14.38 22.31
C ILE A 56 16.33 -14.70 21.95
N HIS A 57 15.85 -14.25 20.78
CA HIS A 57 14.45 -14.49 20.47
C HIS A 57 14.25 -15.89 19.97
N SER A 58 13.08 -16.44 20.27
CA SER A 58 12.64 -17.76 19.76
C SER A 58 11.11 -17.80 19.86
N LYS A 59 10.45 -18.23 18.79
CA LYS A 59 8.99 -18.27 18.73
C LYS A 59 8.56 -19.55 18.08
N LYS A 60 7.75 -20.35 18.77
CA LYS A 60 7.19 -21.54 18.16
C LYS A 60 8.21 -22.55 17.62
N LEU A 61 9.34 -22.63 18.32
CA LEU A 61 10.39 -23.57 18.01
C LEU A 61 10.53 -24.60 19.12
N ASN A 62 10.65 -25.87 18.74
CA ASN A 62 10.90 -26.95 19.69
C ASN A 62 12.38 -27.27 19.58
N TYR A 63 13.09 -27.41 20.69
CA TYR A 63 14.51 -27.64 20.67
C TYR A 63 14.80 -29.13 20.82
N THR A 64 15.71 -29.64 20.00
CA THR A 64 16.13 -31.05 20.11
C THR A 64 17.64 -31.14 20.29
N THR A 65 18.27 -30.05 20.66
CA THR A 65 19.68 -29.99 20.95
C THR A 65 20.05 -31.01 22.02
N GLN A 66 21.21 -31.66 21.85
CA GLN A 66 21.75 -32.58 22.88
C GLN A 66 22.05 -31.79 24.16
N GLY A 67 21.51 -32.22 25.29
CA GLY A 67 21.73 -31.54 26.60
C GLY A 67 20.65 -30.52 26.91
N HIS A 68 21.08 -29.27 27.14
CA HIS A 68 20.17 -28.13 27.27
C HIS A 68 19.73 -27.73 25.87
N MET A 69 18.92 -26.67 25.79
CA MET A 69 18.40 -26.27 24.49
C MET A 69 19.48 -25.72 23.58
N VAL A 70 20.62 -25.30 24.15
CA VAL A 70 21.75 -24.85 23.37
C VAL A 70 23.02 -25.53 23.87
N VAL A 71 24.05 -25.45 23.05
CA VAL A 71 25.42 -25.70 23.44
C VAL A 71 26.18 -24.38 23.32
N LEU A 72 26.99 -24.08 24.31
CA LEU A 72 27.71 -22.81 24.36
C LEU A 72 29.18 -23.04 24.37
N ARG A 73 29.91 -22.40 23.45
CA ARG A 73 31.35 -22.54 23.35
C ARG A 73 32.02 -21.20 23.33
N GLY A 74 33.28 -21.18 23.76
CA GLY A 74 34.10 -19.98 23.60
C GLY A 74 34.74 -19.95 22.23
N VAL A 75 34.86 -18.77 21.62
CA VAL A 75 35.62 -18.65 20.40
C VAL A 75 37.09 -18.51 20.71
N GLY A 76 37.91 -19.16 19.88
CA GLY A 76 39.36 -19.08 20.04
C GLY A 76 39.69 -19.76 21.37
N ASP A 77 40.43 -19.07 22.22
CA ASP A 77 40.80 -19.67 23.51
C ASP A 77 40.04 -19.08 24.71
N SER A 78 38.88 -18.46 24.45
CA SER A 78 38.01 -18.01 25.51
C SER A 78 37.43 -19.21 26.24
N GLN A 79 37.47 -19.16 27.57
CA GLN A 79 36.70 -20.06 28.40
C GLN A 79 35.22 -19.65 28.36
N VAL A 80 34.35 -20.60 28.66
CA VAL A 80 32.93 -20.35 28.65
C VAL A 80 32.33 -20.83 29.99
N PRO A 81 31.36 -20.09 30.56
CA PRO A 81 30.72 -20.65 31.74
C PRO A 81 29.83 -21.83 31.41
N GLU A 82 29.59 -22.67 32.41
CA GLU A 82 28.64 -23.77 32.27
C GLU A 82 27.22 -23.23 32.24
N ILE A 83 26.35 -23.94 31.56
CA ILE A 83 24.95 -23.58 31.54
C ILE A 83 24.30 -24.10 32.82
N ASP A 84 23.47 -23.27 33.45
CA ASP A 84 22.65 -23.72 34.54
C ASP A 84 21.37 -24.39 34.02
N ARG A 85 20.61 -23.65 33.23
CA ARG A 85 19.42 -24.14 32.59
C ARG A 85 19.03 -23.23 31.44
N THR A 86 18.24 -23.80 30.53
CA THR A 86 17.63 -23.04 29.45
C THR A 86 16.12 -23.11 29.58
N GLU A 87 15.43 -22.02 29.33
CA GLU A 87 13.98 -22.00 29.37
C GLU A 87 13.45 -21.11 28.22
N LEU A 88 12.23 -21.38 27.81
CA LEU A 88 11.55 -20.51 26.84
C LEU A 88 10.53 -19.66 27.56
N VAL A 89 10.53 -18.35 27.29
CA VAL A 89 9.55 -17.43 27.87
C VAL A 89 8.65 -16.97 26.71
N GLU A 90 7.43 -17.49 26.68
CA GLU A 90 6.61 -17.32 25.51
C GLU A 90 6.18 -15.89 25.26
N LEU A 91 5.86 -15.16 26.33
CA LEU A 91 5.24 -13.84 26.20
C LEU A 91 6.14 -12.87 25.42
N THR A 92 7.39 -12.84 25.84
CA THR A 92 8.39 -11.96 25.25
C THR A 92 9.19 -12.68 24.18
N GLU A 93 8.77 -13.89 23.82
CA GLU A 93 9.37 -14.64 22.71
C GLU A 93 10.87 -14.84 22.82
N TYR A 94 11.29 -15.31 23.99
CA TYR A 94 12.71 -15.50 24.23
C TYR A 94 13.05 -16.97 24.54
N LEU A 95 14.27 -17.31 24.14
CA LEU A 95 15.03 -18.43 24.68
C LEU A 95 16.04 -17.81 25.65
N VAL A 96 16.03 -18.29 26.89
CA VAL A 96 16.81 -17.77 27.99
C VAL A 96 17.79 -18.85 28.49
N VAL A 97 19.09 -18.53 28.40
CA VAL A 97 20.14 -19.39 28.81
C VAL A 97 20.79 -18.80 30.08
N HIS A 98 20.46 -19.39 31.21
CA HIS A 98 20.99 -19.02 32.51
C HIS A 98 22.31 -19.70 32.70
N LEU A 99 23.34 -18.91 33.00
CA LEU A 99 24.70 -19.41 33.16
C LEU A 99 25.15 -19.48 34.62
N LYS A 100 26.11 -20.34 34.87
CA LYS A 100 26.69 -20.51 36.21
C LYS A 100 27.77 -19.50 36.51
N GLY A 101 28.15 -18.67 35.56
CA GLY A 101 29.11 -17.58 35.79
C GLY A 101 28.91 -16.56 34.67
N SER A 102 29.73 -15.51 34.66
CA SER A 102 29.50 -14.42 33.72
C SER A 102 30.33 -14.54 32.47
N LEU A 103 29.74 -14.14 31.36
CA LEU A 103 30.50 -13.87 30.13
C LEU A 103 31.39 -12.65 30.36
N GLN A 104 32.48 -12.56 29.60
CA GLN A 104 33.46 -11.48 29.80
C GLN A 104 33.54 -10.51 28.63
N PRO A 105 33.52 -9.21 28.93
CA PRO A 105 33.56 -8.20 27.86
C PRO A 105 34.75 -8.39 26.90
N GLY A 106 34.51 -8.28 25.63
CA GLY A 106 35.60 -8.36 24.65
C GLY A 106 35.70 -9.78 24.13
N HIS A 107 35.16 -10.75 24.87
CA HIS A 107 35.16 -12.14 24.40
C HIS A 107 34.00 -12.49 23.46
N MET A 108 34.30 -13.38 22.52
CA MET A 108 33.30 -13.89 21.60
C MET A 108 32.89 -15.33 21.97
N TYR A 109 31.63 -15.67 21.72
CA TYR A 109 31.06 -16.96 22.08
C TYR A 109 30.27 -17.48 20.90
N GLU A 110 30.18 -18.81 20.81
CA GLU A 110 29.32 -19.48 19.81
C GLU A 110 28.27 -20.33 20.52
N MET A 111 27.01 -20.13 20.12
CA MET A 111 25.89 -20.84 20.69
C MET A 111 25.19 -21.63 19.58
N GLU A 112 25.15 -22.95 19.79
CA GLU A 112 24.61 -23.90 18.81
C GLU A 112 23.30 -24.46 19.30
N SER A 113 22.35 -24.57 18.38
CA SER A 113 21.06 -25.18 18.68
C SER A 113 20.57 -26.05 17.51
N GLU A 114 19.67 -26.96 17.85
CA GLU A 114 18.94 -27.79 16.88
C GLU A 114 17.49 -27.72 17.25
N PHE A 115 16.62 -27.56 16.26
CA PHE A 115 15.22 -27.19 16.53
C PHE A 115 14.31 -27.59 15.38
N GLN A 116 13.02 -27.49 15.63
CA GLN A 116 12.05 -27.71 14.59
C GLN A 116 10.79 -26.95 14.90
N GLY A 117 10.06 -26.62 13.84
CA GLY A 117 8.79 -25.92 13.96
C GLY A 117 7.85 -26.38 12.88
N GLU A 118 6.60 -25.96 13.01
CA GLU A 118 5.62 -26.25 12.01
C GLU A 118 5.93 -25.40 10.77
N LEU A 119 5.93 -26.05 9.62
CA LEU A 119 5.92 -25.33 8.35
C LEU A 119 4.45 -25.06 8.00
N ALA A 120 3.88 -24.08 8.68
CA ALA A 120 2.44 -23.84 8.67
C ALA A 120 2.03 -23.06 7.44
N ASP A 121 0.73 -23.07 7.13
CA ASP A 121 0.27 -22.24 6.04
C ASP A 121 -0.22 -20.90 6.60
N ASP A 122 0.70 -20.24 7.29
CA ASP A 122 0.35 -19.07 8.11
C ASP A 122 1.05 -17.80 7.63
N LEU A 123 1.84 -17.90 6.56
CA LEU A 123 2.51 -16.73 5.99
C LEU A 123 3.46 -16.00 6.91
N ALA A 124 4.04 -16.71 7.85
CA ALA A 124 4.89 -16.10 8.87
C ALA A 124 6.09 -17.00 9.16
N GLY A 125 7.25 -16.38 9.23
CA GLY A 125 8.54 -17.09 9.40
C GLY A 125 8.85 -17.93 8.18
N PHE A 126 9.30 -19.17 8.40
CA PHE A 126 9.46 -20.19 7.33
C PHE A 126 8.12 -20.93 7.30
N TYR A 127 7.43 -20.86 6.17
CA TYR A 127 6.04 -21.32 6.07
C TYR A 127 5.85 -22.00 4.74
N ARG A 128 4.73 -22.71 4.57
CA ARG A 128 4.44 -23.38 3.31
C ARG A 128 3.38 -22.61 2.52
N SER A 129 3.44 -22.74 1.21
CA SER A 129 2.42 -22.23 0.33
C SER A 129 2.01 -23.34 -0.67
N GLU A 130 0.70 -23.56 -0.81
CA GLU A 130 0.09 -24.62 -1.67
C GLU A 130 -0.59 -23.96 -2.89
N TYR A 131 -0.42 -24.57 -4.05
CA TYR A 131 -1.00 -24.08 -5.27
C TYR A 131 -1.15 -25.24 -6.24
N MET A 132 -1.98 -25.07 -7.26
CA MET A 132 -2.21 -26.14 -8.23
C MET A 132 -1.42 -26.01 -9.53
N GLU A 133 -0.87 -27.11 -10.00
CA GLU A 133 -0.35 -27.19 -11.34
C GLU A 133 -1.19 -28.23 -12.06
N GLY A 134 -2.39 -27.85 -12.50
CA GLY A 134 -3.24 -28.76 -13.25
C GLY A 134 -4.05 -29.65 -12.34
N ASN A 135 -3.81 -30.96 -12.47
CA ASN A 135 -4.34 -32.00 -11.57
C ASN A 135 -3.73 -31.90 -10.20
N VAL A 136 -2.50 -31.40 -10.13
CA VAL A 136 -1.62 -31.57 -8.97
C VAL A 136 -1.48 -30.41 -7.95
N LYS A 137 -1.52 -30.76 -6.68
CA LYS A 137 -1.28 -29.80 -5.63
C LYS A 137 0.19 -29.74 -5.34
N LYS A 138 0.77 -28.57 -5.58
CA LYS A 138 2.15 -28.26 -5.23
C LYS A 138 2.26 -27.52 -3.88
N VAL A 139 3.39 -27.72 -3.23
CA VAL A 139 3.68 -27.12 -1.95
C VAL A 139 5.11 -26.63 -1.99
N LEU A 140 5.32 -25.37 -1.67
CA LEU A 140 6.67 -24.84 -1.58
C LEU A 140 6.90 -24.27 -0.20
N ALA A 141 8.17 -24.00 0.12
CA ALA A 141 8.53 -23.42 1.39
C ALA A 141 9.14 -22.06 1.13
N THR A 142 8.72 -21.08 1.91
CA THR A 142 9.18 -19.70 1.67
C THR A 142 9.18 -18.96 2.98
N THR A 143 9.59 -17.68 2.96
CA THR A 143 9.74 -16.93 4.21
C THR A 143 9.05 -15.57 4.19
N GLN A 144 8.63 -15.14 5.37
CA GLN A 144 8.23 -13.76 5.64
C GLN A 144 8.66 -13.47 7.08
N MET A 145 9.76 -12.75 7.21
CA MET A 145 10.31 -12.41 8.53
C MET A 145 9.77 -11.10 9.06
N GLN A 146 9.53 -10.15 8.17
CA GLN A 146 9.04 -8.83 8.60
C GLN A 146 7.76 -8.96 9.41
N SER A 147 7.62 -8.39 10.61
CA SER A 147 8.63 -7.65 11.36
C SER A 147 9.44 -8.49 12.32
N THR A 148 8.74 -9.36 13.04
CA THR A 148 9.34 -10.07 14.18
C THR A 148 9.22 -11.59 14.05
N ASP A 149 9.31 -12.09 12.82
CA ASP A 149 9.18 -13.51 12.55
C ASP A 149 10.46 -14.27 12.17
N ALA A 150 11.61 -13.59 12.07
CA ALA A 150 12.86 -14.35 11.86
C ALA A 150 13.05 -15.38 12.98
N ARG A 151 12.74 -14.97 14.21
CA ARG A 151 12.80 -15.80 15.41
C ARG A 151 11.84 -17.02 15.39
N LYS A 152 10.87 -17.06 14.47
CA LYS A 152 9.98 -18.19 14.27
C LYS A 152 10.66 -19.23 13.37
N SER A 153 11.78 -18.87 12.72
CA SER A 153 12.51 -19.83 11.87
C SER A 153 13.83 -20.35 12.45
N PHE A 154 14.44 -19.55 13.31
CA PHE A 154 15.66 -19.90 14.05
C PHE A 154 15.90 -18.88 15.18
N PRO A 155 16.62 -19.29 16.24
CA PRO A 155 16.86 -18.36 17.33
C PRO A 155 17.82 -17.29 16.95
N CYS A 156 17.44 -16.04 17.18
CA CYS A 156 18.24 -14.92 16.75
C CYS A 156 17.96 -13.65 17.59
N PHE A 157 18.90 -12.73 17.53
CA PHE A 157 18.73 -11.41 18.15
C PHE A 157 17.93 -10.61 17.16
N ASP A 158 16.62 -10.72 17.28
CA ASP A 158 15.71 -10.35 16.22
C ASP A 158 15.23 -8.92 16.43
N GLU A 159 16.18 -7.98 16.36
CA GLU A 159 15.92 -6.51 16.32
C GLU A 159 16.70 -5.94 15.17
N PRO A 160 16.12 -4.97 14.45
CA PRO A 160 16.76 -4.55 13.17
C PRO A 160 18.18 -3.93 13.29
N ALA A 161 18.51 -3.31 14.42
CA ALA A 161 19.85 -2.72 14.55
C ALA A 161 20.91 -3.80 14.84
N MET A 162 20.50 -4.98 15.29
CA MET A 162 21.48 -6.04 15.65
C MET A 162 21.86 -6.84 14.41
N LYS A 163 22.63 -6.18 13.55
CA LYS A 163 22.96 -6.69 12.23
C LYS A 163 24.10 -7.69 12.33
N ALA A 164 24.16 -8.58 11.38
CA ALA A 164 25.18 -9.63 11.37
C ALA A 164 25.30 -10.20 9.99
N THR A 165 26.33 -10.99 9.74
CA THR A 165 26.38 -11.77 8.50
C THR A 165 25.72 -13.12 8.74
N PHE A 166 25.21 -13.67 7.66
CA PHE A 166 24.46 -14.95 7.69
C PHE A 166 24.95 -15.88 6.63
N ASN A 167 25.27 -17.10 7.06
CA ASN A 167 25.60 -18.17 6.13
C ASN A 167 24.47 -19.16 6.14
N ILE A 168 23.67 -19.16 5.08
CA ILE A 168 22.47 -19.94 4.98
C ILE A 168 22.77 -21.21 4.20
N THR A 169 22.21 -22.33 4.68
CA THR A 169 22.22 -23.61 3.92
C THR A 169 20.79 -24.15 3.92
N LEU A 170 20.33 -24.63 2.76
CA LEU A 170 19.01 -25.29 2.66
C LEU A 170 19.23 -26.74 2.30
N ILE A 171 18.52 -27.60 2.99
CA ILE A 171 18.47 -29.02 2.67
C ILE A 171 17.07 -29.29 2.13
N HIS A 172 17.01 -29.84 0.92
CA HIS A 172 15.77 -29.86 0.17
C HIS A 172 15.68 -31.03 -0.80
N PRO A 173 14.47 -31.33 -1.29
CA PRO A 173 14.38 -32.41 -2.27
C PRO A 173 15.26 -32.07 -3.48
N ASN A 174 15.89 -33.11 -4.02
CA ASN A 174 16.95 -32.90 -4.97
C ASN A 174 16.47 -32.39 -6.31
N ASN A 175 15.17 -32.44 -6.56
CA ASN A 175 14.68 -31.94 -7.85
C ASN A 175 14.05 -30.56 -7.72
N LEU A 176 14.21 -29.93 -6.55
CA LEU A 176 13.73 -28.55 -6.35
C LEU A 176 14.87 -27.56 -6.30
N THR A 177 14.53 -26.29 -6.48
CA THR A 177 15.51 -25.21 -6.44
C THR A 177 15.44 -24.47 -5.12
N ALA A 178 16.61 -24.11 -4.62
CA ALA A 178 16.73 -23.41 -3.37
C ALA A 178 17.31 -22.03 -3.64
N LEU A 179 16.68 -21.02 -3.08
CA LEU A 179 17.10 -19.62 -3.24
C LEU A 179 17.22 -18.94 -1.88
N SER A 180 18.13 -17.96 -1.81
CA SER A 180 18.25 -17.15 -0.61
C SER A 180 18.73 -15.76 -1.02
N ASN A 181 19.09 -14.94 -0.02
CA ASN A 181 19.52 -13.54 -0.26
C ASN A 181 20.68 -13.48 -1.22
N MET A 182 21.63 -14.40 -1.02
CA MET A 182 22.88 -14.44 -1.78
C MET A 182 22.89 -15.59 -2.82
N PRO A 183 23.81 -15.54 -3.80
CA PRO A 183 23.90 -16.66 -4.71
C PRO A 183 24.38 -17.93 -3.99
N PRO A 184 24.01 -19.09 -4.55
CA PRO A 184 24.57 -20.34 -4.06
C PRO A 184 26.08 -20.33 -4.22
N LYS A 185 26.78 -21.00 -3.32
CA LYS A 185 28.22 -21.09 -3.46
C LYS A 185 28.62 -21.94 -4.63
N GLY A 186 27.81 -22.91 -5.00
CA GLY A 186 28.18 -23.77 -6.12
C GLY A 186 27.04 -24.73 -6.29
N SER A 187 27.30 -25.82 -7.00
CA SER A 187 26.30 -26.83 -7.20
C SER A 187 25.89 -27.43 -5.85
N SER A 188 24.65 -27.85 -5.81
CA SER A 188 24.09 -28.60 -4.68
C SER A 188 24.79 -29.92 -4.57
N THR A 189 24.85 -30.49 -3.38
CA THR A 189 25.47 -31.81 -3.22
C THR A 189 24.48 -32.75 -2.50
N PRO A 190 24.60 -34.08 -2.71
CA PRO A 190 23.60 -34.97 -2.06
C PRO A 190 23.73 -34.99 -0.55
N LEU A 191 22.60 -35.11 0.14
CA LEU A 191 22.63 -35.30 1.58
C LEU A 191 23.02 -36.77 1.80
N ALA A 192 24.14 -36.99 2.48
CA ALA A 192 24.65 -38.36 2.62
C ALA A 192 23.70 -39.30 3.34
N GLU A 193 22.94 -38.80 4.30
CA GLU A 193 22.01 -39.67 5.04
C GLU A 193 20.79 -40.07 4.21
N ASP A 194 20.45 -39.26 3.21
CA ASP A 194 19.39 -39.60 2.24
C ASP A 194 19.62 -38.75 0.96
N PRO A 195 20.26 -39.33 -0.07
CA PRO A 195 20.50 -38.59 -1.35
C PRO A 195 19.29 -38.22 -2.17
N ASN A 196 18.07 -38.57 -1.74
CA ASN A 196 16.88 -37.95 -2.34
C ASN A 196 16.83 -36.48 -2.02
N TRP A 197 17.60 -36.08 -1.00
CA TRP A 197 17.77 -34.69 -0.65
C TRP A 197 19.13 -34.16 -1.09
N SER A 198 19.16 -32.86 -1.34
CA SER A 198 20.35 -32.14 -1.67
C SER A 198 20.60 -30.97 -0.70
N VAL A 199 21.84 -30.50 -0.70
CA VAL A 199 22.27 -29.45 0.17
C VAL A 199 22.78 -28.28 -0.68
N THR A 200 22.19 -27.10 -0.48
CA THR A 200 22.57 -25.89 -1.18
C THR A 200 23.04 -24.89 -0.13
N GLU A 201 24.29 -24.52 -0.26
CA GLU A 201 24.90 -23.50 0.59
C GLU A 201 24.99 -22.18 -0.18
N PHE A 202 24.78 -21.07 0.52
CA PHE A 202 24.78 -19.76 -0.07
C PHE A 202 25.99 -18.95 0.41
N GLU A 203 26.45 -18.03 -0.41
CA GLU A 203 27.52 -17.14 0.02
C GLU A 203 27.07 -16.30 1.24
N THR A 204 28.04 -15.90 2.03
CA THR A 204 27.82 -15.08 3.24
C THR A 204 27.14 -13.76 2.85
N THR A 205 26.06 -13.40 3.55
CA THR A 205 25.40 -12.09 3.32
C THR A 205 26.32 -10.95 3.74
N PRO A 206 26.04 -9.71 3.28
CA PRO A 206 26.64 -8.60 4.00
C PRO A 206 26.06 -8.51 5.41
N VAL A 207 26.63 -7.63 6.23
CA VAL A 207 26.06 -7.33 7.52
C VAL A 207 24.64 -6.80 7.25
N MET A 208 23.65 -7.42 7.89
CA MET A 208 22.23 -7.13 7.58
C MET A 208 21.33 -7.53 8.74
N SER A 209 20.08 -7.10 8.63
CA SER A 209 19.09 -7.29 9.65
C SER A 209 18.38 -8.63 9.41
N THR A 210 18.03 -9.26 10.51
CA THR A 210 17.25 -10.51 10.49
C THR A 210 15.92 -10.40 9.73
N TYR A 211 15.25 -9.22 9.80
CA TYR A 211 13.92 -9.13 9.18
C TYR A 211 14.01 -9.15 7.65
N LEU A 212 15.22 -9.07 7.09
CA LEU A 212 15.41 -9.04 5.62
C LEU A 212 15.91 -10.37 5.04
N LEU A 213 16.03 -11.38 5.88
CA LEU A 213 16.43 -12.72 5.38
C LEU A 213 15.32 -13.41 4.61
N ALA A 214 15.70 -14.25 3.63
CA ALA A 214 14.71 -15.02 2.91
C ALA A 214 15.34 -16.31 2.41
N TYR A 215 14.51 -17.32 2.30
CA TYR A 215 14.97 -18.58 1.69
C TYR A 215 13.77 -19.38 1.24
N ILE A 216 13.89 -20.00 0.08
CA ILE A 216 12.77 -20.50 -0.64
C ILE A 216 13.17 -21.80 -1.35
N VAL A 217 12.30 -22.80 -1.21
CA VAL A 217 12.45 -24.08 -1.88
C VAL A 217 11.21 -24.32 -2.73
N SER A 218 11.41 -24.48 -4.03
CA SER A 218 10.26 -24.62 -4.95
C SER A 218 10.66 -25.25 -6.26
N GLU A 219 9.67 -25.48 -7.12
CA GLU A 219 9.86 -25.88 -8.52
C GLU A 219 9.96 -24.72 -9.50
N PHE A 220 10.15 -23.51 -8.98
CA PHE A 220 10.02 -22.33 -9.84
C PHE A 220 11.15 -22.26 -10.87
N GLN A 221 10.84 -21.58 -11.95
CA GLN A 221 11.76 -21.32 -13.03
C GLN A 221 11.91 -19.79 -13.19
N SER A 222 12.88 -19.35 -13.98
CA SER A 222 13.21 -17.94 -14.09
C SER A 222 13.42 -17.50 -15.51
N VAL A 223 13.26 -16.23 -15.76
CA VAL A 223 13.77 -15.59 -16.92
C VAL A 223 14.84 -14.69 -16.40
N ASN A 224 15.89 -14.49 -17.17
CA ASN A 224 16.99 -13.74 -16.70
C ASN A 224 17.69 -12.78 -17.59
N GLU A 225 18.44 -11.92 -16.98
CA GLU A 225 19.31 -11.07 -17.69
C GLU A 225 20.51 -10.73 -16.87
N THR A 226 21.61 -10.55 -17.56
CA THR A 226 22.83 -10.15 -16.92
C THR A 226 23.03 -8.69 -17.27
N ALA A 227 22.98 -7.81 -16.29
CA ALA A 227 23.21 -6.39 -16.53
C ALA A 227 24.68 -6.17 -16.94
N GLN A 228 24.98 -4.96 -17.42
CA GLN A 228 26.30 -4.67 -17.99
C GLN A 228 27.44 -4.80 -16.98
N ASN A 229 27.14 -4.48 -15.73
CA ASN A 229 28.08 -4.60 -14.61
C ASN A 229 28.20 -6.02 -14.03
N GLY A 230 27.54 -7.00 -14.66
CA GLY A 230 27.64 -8.39 -14.22
C GLY A 230 26.58 -8.81 -13.21
N VAL A 231 25.75 -7.88 -12.74
CA VAL A 231 24.64 -8.26 -11.82
C VAL A 231 23.63 -9.16 -12.56
N LEU A 232 23.40 -10.34 -12.00
CA LEU A 232 22.42 -11.24 -12.55
C LEU A 232 21.04 -10.85 -12.02
N ILE A 233 20.11 -10.64 -12.93
CA ILE A 233 18.72 -10.29 -12.60
C ILE A 233 17.86 -11.47 -13.04
N ARG A 234 17.03 -11.95 -12.13
CA ARG A 234 16.09 -13.02 -12.43
C ARG A 234 14.72 -12.74 -11.86
N ILE A 235 13.70 -13.11 -12.63
CA ILE A 235 12.31 -13.12 -12.24
C ILE A 235 11.90 -14.61 -12.16
N TRP A 236 11.46 -15.02 -10.96
CA TRP A 236 11.05 -16.39 -10.70
C TRP A 236 9.53 -16.53 -10.56
N ALA A 237 8.98 -17.59 -11.13
CA ALA A 237 7.56 -17.88 -11.01
C ALA A 237 7.26 -19.35 -11.25
N ARG A 238 6.01 -19.75 -11.06
CA ARG A 238 5.53 -21.08 -11.47
C ARG A 238 5.98 -21.37 -12.91
N PRO A 239 6.41 -22.61 -13.19
CA PRO A 239 6.82 -22.96 -14.54
C PRO A 239 5.83 -22.52 -15.62
N ASN A 240 4.54 -22.82 -15.45
CA ASN A 240 3.56 -22.40 -16.43
C ASN A 240 3.47 -20.87 -16.62
N ALA A 241 3.65 -20.10 -15.55
CA ALA A 241 3.61 -18.61 -15.66
C ALA A 241 4.76 -18.11 -16.50
N ILE A 242 5.95 -18.61 -16.20
CA ILE A 242 7.15 -18.33 -16.98
C ILE A 242 6.97 -18.68 -18.45
N ALA A 243 6.50 -19.89 -18.72
CA ALA A 243 6.31 -20.33 -20.11
C ALA A 243 5.28 -19.49 -20.84
N GLU A 244 4.29 -18.93 -20.13
CA GLU A 244 3.30 -18.03 -20.79
C GLU A 244 3.85 -16.61 -21.03
N GLY A 245 5.06 -16.33 -20.54
CA GLY A 245 5.70 -15.04 -20.73
C GLY A 245 5.35 -13.97 -19.70
N HIS A 246 4.74 -14.38 -18.59
CA HIS A 246 4.20 -13.40 -17.63
C HIS A 246 5.26 -12.69 -16.82
N GLY A 247 6.48 -13.24 -16.82
CA GLY A 247 7.60 -12.62 -16.16
C GLY A 247 8.31 -11.53 -16.95
N MET A 248 7.98 -11.37 -18.22
CA MET A 248 8.76 -10.48 -19.08
C MET A 248 8.71 -9.00 -18.73
N TYR A 249 7.55 -8.45 -18.43
CA TYR A 249 7.52 -7.01 -18.11
C TYR A 249 8.40 -6.70 -16.89
N ALA A 250 8.28 -7.52 -15.84
CA ALA A 250 9.11 -7.35 -14.66
C ALA A 250 10.59 -7.35 -15.00
N LEU A 251 10.99 -8.31 -15.84
CA LEU A 251 12.38 -8.38 -16.29
C LEU A 251 12.78 -7.11 -17.06
N ASN A 252 11.93 -6.69 -17.97
CA ASN A 252 12.14 -5.48 -18.76
C ASN A 252 12.46 -4.25 -17.90
N VAL A 253 11.73 -4.04 -16.80
CA VAL A 253 11.85 -2.78 -16.05
C VAL A 253 12.91 -2.82 -14.95
N THR A 254 13.32 -4.03 -14.57
CA THR A 254 14.15 -4.20 -13.39
C THR A 254 15.56 -3.59 -13.54
N GLY A 255 16.20 -3.88 -14.67
CA GLY A 255 17.50 -3.34 -15.02
C GLY A 255 17.49 -1.81 -15.02
N PRO A 256 16.58 -1.18 -15.78
CA PRO A 256 16.51 0.28 -15.71
C PRO A 256 16.26 0.83 -14.29
N ILE A 257 15.39 0.20 -13.51
CA ILE A 257 15.09 0.71 -12.16
C ILE A 257 16.31 0.63 -11.25
N LEU A 258 17.01 -0.53 -11.28
CA LEU A 258 18.24 -0.67 -10.52
C LEU A 258 19.29 0.38 -10.94
N ASN A 259 19.40 0.65 -12.25
CA ASN A 259 20.34 1.67 -12.73
C ASN A 259 19.98 3.05 -12.24
N PHE A 260 18.69 3.38 -12.32
CA PHE A 260 18.24 4.68 -11.82
C PHE A 260 18.60 4.84 -10.34
N PHE A 261 18.31 3.83 -9.52
CA PHE A 261 18.56 3.98 -8.09
C PHE A 261 20.04 4.05 -7.77
N ALA A 262 20.88 3.22 -8.42
CA ALA A 262 22.35 3.32 -8.18
C ALA A 262 22.81 4.77 -8.39
N ASN A 263 22.37 5.38 -9.48
CA ASN A 263 22.67 6.78 -9.75
C ASN A 263 21.99 7.74 -8.76
N HIS A 264 20.72 7.54 -8.46
CA HIS A 264 19.99 8.43 -7.57
C HIS A 264 20.58 8.48 -6.17
N TYR A 265 21.07 7.32 -5.73
CA TYR A 265 21.62 7.15 -4.40
C TYR A 265 23.14 7.37 -4.38
N ASN A 266 23.73 7.61 -5.56
CA ASN A 266 25.19 7.72 -5.71
C ASN A 266 25.96 6.55 -5.04
N THR A 267 25.38 5.34 -5.15
CA THR A 267 25.84 4.16 -4.45
C THR A 267 25.53 2.93 -5.33
N SER A 268 26.55 2.14 -5.64
CA SER A 268 26.39 0.87 -6.35
C SER A 268 25.41 -0.09 -5.66
N TYR A 269 24.67 -0.84 -6.46
CA TYR A 269 23.77 -1.85 -5.95
C TYR A 269 24.66 -2.75 -5.12
N PRO A 270 24.30 -2.99 -3.85
CA PRO A 270 25.25 -3.57 -2.90
C PRO A 270 25.33 -5.12 -2.93
N LEU A 271 24.74 -5.80 -3.90
CA LEU A 271 24.68 -7.28 -3.89
C LEU A 271 25.11 -7.80 -5.28
N PRO A 272 25.48 -9.09 -5.36
CA PRO A 272 25.92 -9.60 -6.66
C PRO A 272 24.77 -9.99 -7.58
N LYS A 273 23.56 -10.16 -7.05
CA LYS A 273 22.43 -10.54 -7.89
C LYS A 273 21.12 -9.97 -7.36
N SER A 274 20.11 -10.00 -8.21
CA SER A 274 18.76 -9.56 -7.83
C SER A 274 17.82 -10.66 -8.24
N ASP A 275 17.14 -11.28 -7.26
CA ASP A 275 16.05 -12.21 -7.57
C ASP A 275 14.76 -11.56 -7.14
N GLN A 276 13.71 -11.73 -7.94
CA GLN A 276 12.37 -11.32 -7.54
C GLN A 276 11.49 -12.50 -7.84
N ILE A 277 10.58 -12.81 -6.92
CA ILE A 277 9.76 -14.00 -7.08
C ILE A 277 8.27 -13.74 -6.86
N ALA A 278 7.48 -14.33 -7.76
CA ALA A 278 6.03 -14.24 -7.78
C ALA A 278 5.44 -15.44 -7.06
N LEU A 279 4.87 -15.22 -5.88
CA LEU A 279 4.28 -16.26 -5.07
C LEU A 279 2.74 -16.25 -5.15
N PRO A 280 2.14 -17.42 -5.34
CA PRO A 280 0.67 -17.45 -5.41
C PRO A 280 0.02 -17.06 -4.07
N ASP A 281 -0.85 -16.07 -4.07
CA ASP A 281 -1.59 -15.63 -2.86
C ASP A 281 -0.82 -15.08 -1.64
N PHE A 282 0.30 -14.40 -1.86
CA PHE A 282 1.15 -13.90 -0.79
C PHE A 282 0.41 -12.70 -0.28
N ASN A 283 -0.19 -12.86 0.87
CA ASN A 283 -1.09 -11.88 1.41
C ASN A 283 -0.52 -10.52 1.77
N ALA A 284 0.75 -10.47 2.10
CA ALA A 284 1.42 -9.21 2.32
C ALA A 284 1.72 -8.35 1.12
N GLY A 285 1.40 -8.74 -0.13
CA GLY A 285 1.74 -7.78 -1.24
C GLY A 285 3.14 -7.90 -1.83
N ALA A 286 4.14 -7.44 -1.08
CA ALA A 286 5.56 -7.54 -1.47
C ALA A 286 6.44 -7.36 -0.25
N MET A 287 7.63 -7.92 -0.25
CA MET A 287 8.59 -7.78 0.85
C MET A 287 10.00 -7.67 0.31
N GLU A 288 10.73 -6.65 0.78
CA GLU A 288 12.01 -6.22 0.24
C GLU A 288 13.26 -7.02 0.69
N ASN A 289 13.12 -8.33 0.91
CA ASN A 289 14.25 -9.14 1.42
C ASN A 289 15.43 -8.91 0.50
N TRP A 290 16.60 -8.76 1.12
CA TRP A 290 17.74 -8.16 0.44
C TRP A 290 18.34 -9.15 -0.54
N GLY A 291 18.13 -8.93 -1.84
CA GLY A 291 18.56 -9.90 -2.85
C GLY A 291 17.54 -10.92 -3.32
N LEU A 292 16.40 -10.99 -2.64
CA LEU A 292 15.36 -11.98 -2.92
C LEU A 292 14.00 -11.38 -2.52
N VAL A 293 13.49 -10.49 -3.38
CA VAL A 293 12.25 -9.79 -3.10
C VAL A 293 11.06 -10.66 -3.46
N THR A 294 10.11 -10.77 -2.55
CA THR A 294 8.89 -11.60 -2.75
C THR A 294 7.69 -10.68 -3.09
N TYR A 295 6.82 -11.19 -3.97
CA TYR A 295 5.65 -10.50 -4.40
C TYR A 295 4.51 -11.49 -4.50
N ARG A 296 3.29 -11.02 -4.28
CA ARG A 296 2.13 -11.73 -4.70
C ARG A 296 2.22 -11.84 -6.21
N GLU A 297 1.83 -12.97 -6.77
CA GLU A 297 2.00 -13.18 -8.22
C GLU A 297 1.41 -12.12 -9.05
N ASN A 298 0.17 -11.81 -8.77
CA ASN A 298 -0.54 -10.89 -9.60
C ASN A 298 0.02 -9.51 -9.50
N ALA A 299 0.90 -9.27 -8.57
CA ALA A 299 1.58 -7.98 -8.48
C ALA A 299 2.88 -7.88 -9.29
N LEU A 300 3.51 -9.02 -9.57
CA LEU A 300 4.78 -9.01 -10.30
C LEU A 300 4.62 -9.47 -11.75
N LEU A 301 3.71 -10.42 -11.97
CA LEU A 301 3.47 -10.98 -13.30
C LEU A 301 2.51 -10.09 -14.05
N PHE A 302 2.59 -10.16 -15.37
CA PHE A 302 1.80 -9.30 -16.23
C PHE A 302 1.48 -10.04 -17.50
N ASP A 303 0.19 -10.12 -17.83
CA ASP A 303 -0.28 -10.73 -19.06
C ASP A 303 -0.77 -9.64 -20.01
N PRO A 304 0.03 -9.29 -21.01
CA PRO A 304 -0.29 -8.15 -21.88
C PRO A 304 -1.66 -8.30 -22.50
N GLN A 305 -1.96 -9.53 -22.91
CA GLN A 305 -3.17 -9.85 -23.63
C GLN A 305 -4.40 -9.49 -22.84
N SER A 306 -4.38 -9.74 -21.54
CA SER A 306 -5.60 -9.60 -20.75
C SER A 306 -5.52 -8.52 -19.68
N SER A 307 -4.37 -7.89 -19.53
CA SER A 307 -4.18 -6.92 -18.46
C SER A 307 -4.37 -5.49 -18.90
N SER A 308 -4.97 -4.68 -18.03
CA SER A 308 -5.15 -3.29 -18.32
C SER A 308 -3.85 -2.53 -18.08
N ILE A 309 -3.84 -1.30 -18.57
CA ILE A 309 -2.74 -0.40 -18.33
C ILE A 309 -2.56 -0.08 -16.83
N SER A 310 -3.62 -0.01 -16.04
CA SER A 310 -3.45 0.30 -14.64
C SER A 310 -2.75 -0.87 -13.97
N ASN A 311 -3.05 -2.03 -14.44
CA ASN A 311 -2.37 -3.23 -14.09
C ASN A 311 -0.86 -3.18 -14.31
N LYS A 312 -0.48 -2.62 -15.44
CA LYS A 312 0.90 -2.45 -15.80
C LYS A 312 1.58 -1.42 -14.92
N GLU A 313 0.89 -0.35 -14.62
CA GLU A 313 1.36 0.64 -13.72
C GLU A 313 1.67 0.07 -12.33
N ARG A 314 0.84 -0.84 -11.88
CA ARG A 314 1.07 -1.46 -10.60
C ARG A 314 2.31 -2.30 -10.56
N VAL A 315 2.58 -3.03 -11.61
CA VAL A 315 3.78 -3.83 -11.65
C VAL A 315 5.00 -2.96 -11.54
N VAL A 316 5.11 -1.95 -12.37
CA VAL A 316 6.37 -1.20 -12.38
C VAL A 316 6.56 -0.39 -11.09
N THR A 317 5.47 0.12 -10.52
CA THR A 317 5.59 0.87 -9.28
C THR A 317 5.90 -0.05 -8.10
N VAL A 318 5.27 -1.23 -8.04
CA VAL A 318 5.56 -2.13 -6.91
C VAL A 318 7.04 -2.57 -6.93
N ILE A 319 7.54 -2.87 -8.12
CA ILE A 319 8.95 -3.22 -8.28
C ILE A 319 9.87 -2.06 -7.86
N ALA A 320 9.59 -0.86 -8.34
CA ALA A 320 10.42 0.32 -7.99
C ALA A 320 10.44 0.51 -6.47
N HIS A 321 9.30 0.28 -5.83
CA HIS A 321 9.18 0.46 -4.39
C HIS A 321 10.11 -0.53 -3.67
N GLU A 322 9.97 -1.80 -4.00
CA GLU A 322 10.81 -2.80 -3.35
C GLU A 322 12.29 -2.62 -3.63
N LEU A 323 12.63 -2.27 -4.87
CA LEU A 323 14.04 -2.10 -5.23
C LEU A 323 14.62 -0.88 -4.54
N ALA A 324 13.78 0.14 -4.31
CA ALA A 324 14.23 1.33 -3.60
C ALA A 324 14.87 0.92 -2.26
N HIS A 325 14.24 -0.05 -1.58
CA HIS A 325 14.68 -0.43 -0.25
C HIS A 325 16.06 -1.11 -0.27
N GLN A 326 16.51 -1.59 -1.42
CA GLN A 326 17.75 -2.37 -1.46
C GLN A 326 18.91 -1.48 -1.06
N TRP A 327 18.69 -0.16 -1.08
CA TRP A 327 19.60 0.78 -0.45
C TRP A 327 18.95 1.40 0.80
N PHE A 328 17.82 2.10 0.62
CA PHE A 328 17.19 2.82 1.73
C PHE A 328 16.27 1.89 2.50
N GLY A 329 16.73 1.46 3.67
CA GLY A 329 16.06 0.44 4.50
C GLY A 329 16.95 -0.79 4.77
N ASN A 330 17.63 -1.27 3.74
CA ASN A 330 18.38 -2.54 3.80
C ASN A 330 19.90 -2.29 3.95
N LEU A 331 20.46 -1.38 3.14
CA LEU A 331 21.85 -0.96 3.35
C LEU A 331 22.00 -0.07 4.58
N VAL A 332 21.13 0.96 4.69
CA VAL A 332 21.02 1.74 5.90
C VAL A 332 19.64 1.48 6.48
N THR A 333 19.62 0.99 7.71
CA THR A 333 18.41 0.48 8.35
C THR A 333 18.03 1.34 9.55
N LEU A 334 16.75 1.71 9.64
CA LEU A 334 16.31 2.48 10.77
C LEU A 334 16.46 1.60 12.01
N ALA A 335 16.96 2.19 13.09
CA ALA A 335 17.29 1.45 14.28
C ALA A 335 16.13 0.78 14.95
N TRP A 336 14.94 1.34 14.81
CA TRP A 336 13.77 0.78 15.51
C TRP A 336 12.50 1.08 14.76
N TRP A 337 11.51 0.22 14.99
CA TRP A 337 10.23 0.26 14.31
C TRP A 337 9.47 1.58 14.44
N ASN A 338 9.74 2.35 15.50
CA ASN A 338 9.05 3.65 15.60
C ASN A 338 9.35 4.61 14.42
N ASP A 339 10.48 4.38 13.75
CA ASP A 339 10.86 5.13 12.55
C ASP A 339 10.54 4.42 11.22
N LEU A 340 9.64 3.42 11.27
CA LEU A 340 9.20 2.71 10.07
C LEU A 340 8.74 3.69 8.96
N TRP A 341 7.99 4.74 9.34
CA TRP A 341 7.50 5.77 8.42
C TRP A 341 8.59 6.32 7.53
N LEU A 342 9.80 6.47 8.04
CA LEU A 342 10.87 7.02 7.22
C LEU A 342 11.26 6.02 6.12
N ASN A 343 11.40 4.76 6.50
CA ASN A 343 11.73 3.73 5.52
C ASN A 343 10.61 3.52 4.50
N GLU A 344 9.39 3.27 4.96
CA GLU A 344 8.26 3.04 4.05
C GLU A 344 7.79 4.31 3.32
N GLY A 345 7.87 5.45 4.00
CA GLY A 345 7.48 6.72 3.40
C GLY A 345 8.47 7.05 2.29
N PHE A 346 9.77 6.83 2.54
CA PHE A 346 10.77 7.13 1.51
C PHE A 346 10.56 6.26 0.25
N ALA A 347 10.42 4.95 0.47
CA ALA A 347 10.13 4.02 -0.66
C ALA A 347 8.84 4.38 -1.38
N SER A 348 7.83 4.80 -0.62
CA SER A 348 6.53 5.18 -1.19
C SER A 348 6.61 6.46 -2.03
N TYR A 349 7.58 7.32 -1.75
CA TYR A 349 7.84 8.44 -2.63
C TYR A 349 8.69 8.07 -3.83
N VAL A 350 9.87 7.45 -3.58
CA VAL A 350 10.79 7.20 -4.69
C VAL A 350 10.38 6.08 -5.63
N GLU A 351 9.37 5.28 -5.25
CA GLU A 351 8.81 4.34 -6.22
C GLU A 351 8.38 5.05 -7.49
N TYR A 352 7.81 6.25 -7.35
CA TYR A 352 7.35 7.00 -8.55
C TYR A 352 8.55 7.41 -9.43
N LEU A 353 9.67 7.78 -8.80
CA LEU A 353 10.87 8.19 -9.53
C LEU A 353 11.50 7.01 -10.27
N GLY A 354 11.66 5.88 -9.59
CA GLY A 354 12.19 4.69 -10.26
C GLY A 354 11.30 4.21 -11.39
N ALA A 355 9.99 4.19 -11.14
CA ALA A 355 9.06 3.78 -12.17
C ALA A 355 9.08 4.72 -13.36
N ASP A 356 9.20 6.03 -13.08
CA ASP A 356 9.23 7.05 -14.15
C ASP A 356 10.43 6.83 -15.04
N HIS A 357 11.53 6.40 -14.43
CA HIS A 357 12.72 6.11 -15.23
C HIS A 357 12.48 4.98 -16.20
N ALA A 358 11.81 3.94 -15.73
CA ALA A 358 11.46 2.80 -16.59
C ALA A 358 10.39 3.11 -17.62
N GLU A 359 9.47 4.01 -17.29
CA GLU A 359 8.40 4.43 -18.21
C GLU A 359 8.29 5.96 -18.30
N PRO A 360 9.27 6.60 -18.97
CA PRO A 360 9.40 8.06 -18.95
C PRO A 360 8.31 8.82 -19.69
N THR A 361 7.51 8.13 -20.51
CA THR A 361 6.44 8.84 -21.23
C THR A 361 5.16 8.87 -20.42
N TRP A 362 5.13 8.21 -19.26
CA TRP A 362 3.86 8.04 -18.57
C TRP A 362 3.54 9.15 -17.58
N ASN A 363 4.49 10.01 -17.28
CA ASN A 363 4.24 11.05 -16.28
C ASN A 363 3.78 10.53 -14.90
N LEU A 364 4.35 9.40 -14.52
CA LEU A 364 3.96 8.70 -13.31
C LEU A 364 4.10 9.49 -12.04
N LYS A 365 5.07 10.39 -11.96
CA LYS A 365 5.29 11.13 -10.71
C LYS A 365 4.05 11.87 -10.25
N ASP A 366 3.20 12.28 -11.18
CA ASP A 366 2.01 13.06 -10.84
C ASP A 366 1.10 12.21 -9.94
N LEU A 367 1.19 10.87 -10.08
CA LEU A 367 0.18 9.99 -9.45
C LEU A 367 0.25 9.92 -7.94
N ILE A 368 1.37 10.37 -7.37
CA ILE A 368 1.49 10.47 -5.92
C ILE A 368 0.43 11.39 -5.29
N VAL A 369 -0.04 12.37 -6.06
CA VAL A 369 -0.99 13.34 -5.54
C VAL A 369 -2.35 12.68 -5.26
N PRO A 370 -2.97 12.07 -6.27
CA PRO A 370 -4.22 11.39 -5.90
C PRO A 370 -3.97 10.09 -5.14
N GLY A 371 -2.85 9.43 -5.41
CA GLY A 371 -2.56 8.10 -4.85
C GLY A 371 -2.18 8.10 -3.39
N ASP A 372 -1.44 9.11 -2.96
CA ASP A 372 -0.93 9.18 -1.58
C ASP A 372 -1.35 10.45 -0.83
N VAL A 373 -1.18 11.62 -1.46
CA VAL A 373 -1.44 12.89 -0.78
C VAL A 373 -2.90 13.02 -0.37
N TYR A 374 -3.80 13.04 -1.33
CA TYR A 374 -5.21 13.20 -0.99
C TYR A 374 -5.80 12.00 -0.29
N ARG A 375 -5.26 10.84 -0.60
CA ARG A 375 -5.66 9.63 0.09
C ARG A 375 -5.41 9.73 1.60
N VAL A 376 -4.18 10.06 1.98
CA VAL A 376 -3.86 10.12 3.41
C VAL A 376 -4.44 11.37 4.09
N MET A 377 -4.66 12.44 3.34
CA MET A 377 -5.29 13.63 3.91
C MET A 377 -6.69 13.28 4.43
N ALA A 378 -7.37 12.34 3.79
CA ALA A 378 -8.69 11.92 4.28
C ALA A 378 -8.65 11.41 5.73
N VAL A 379 -7.62 10.66 6.10
CA VAL A 379 -7.51 10.16 7.47
C VAL A 379 -6.68 11.06 8.39
N ASP A 380 -5.83 11.91 7.83
CA ASP A 380 -5.04 12.83 8.65
C ASP A 380 -5.82 14.13 8.99
N ALA A 381 -7.02 14.30 8.43
CA ALA A 381 -7.88 15.43 8.73
C ALA A 381 -8.95 15.01 9.73
N LEU A 382 -8.59 14.01 10.54
CA LEU A 382 -9.40 13.53 11.65
C LEU A 382 -8.73 13.79 13.00
N ALA A 383 -9.56 13.97 14.02
CA ALA A 383 -9.07 14.15 15.38
C ALA A 383 -8.37 12.89 15.89
N SER A 384 -8.71 11.74 15.30
CA SER A 384 -8.21 10.43 15.73
C SER A 384 -6.91 10.04 15.00
N SER A 385 -6.28 10.99 14.32
CA SER A 385 -5.03 10.74 13.60
C SER A 385 -3.86 10.63 14.56
N HIS A 386 -2.65 10.54 14.05
CA HIS A 386 -1.49 10.45 14.90
C HIS A 386 -0.25 11.00 14.19
N PRO A 387 0.75 11.50 14.93
CA PRO A 387 1.95 12.00 14.28
C PRO A 387 2.75 10.88 13.58
N LEU A 388 3.54 11.27 12.57
CA LEU A 388 4.43 10.31 11.94
C LEU A 388 5.37 9.68 12.94
N THR A 389 5.91 10.49 13.85
CA THR A 389 6.84 9.95 14.80
C THR A 389 6.13 9.39 16.03
N THR A 390 6.76 8.40 16.68
CA THR A 390 6.25 7.82 17.90
C THR A 390 7.50 7.63 18.74
N PRO A 391 7.44 7.94 20.03
CA PRO A 391 8.63 7.71 20.83
C PRO A 391 8.98 6.21 20.84
N ALA A 392 10.27 5.92 20.70
CA ALA A 392 10.75 4.53 20.60
C ALA A 392 10.34 3.68 21.79
N GLU A 393 10.31 4.30 22.96
CA GLU A 393 9.96 3.56 24.17
C GLU A 393 8.46 3.23 24.25
N GLU A 394 7.63 3.76 23.35
CA GLU A 394 6.22 3.35 23.34
C GLU A 394 5.96 2.18 22.39
N VAL A 395 6.97 1.79 21.61
CA VAL A 395 6.83 0.72 20.61
C VAL A 395 7.64 -0.49 21.07
N ASN A 396 6.96 -1.45 21.72
CA ASN A 396 7.68 -2.58 22.34
C ASN A 396 7.26 -3.94 21.90
N THR A 397 5.95 -4.17 21.86
CA THR A 397 5.42 -5.53 21.58
C THR A 397 5.30 -5.75 20.08
N PRO A 398 5.24 -7.02 19.65
CA PRO A 398 5.00 -7.28 18.24
C PRO A 398 3.70 -6.58 17.76
N ALA A 399 2.64 -6.52 18.57
CA ALA A 399 1.41 -5.81 18.16
C ALA A 399 1.68 -4.32 18.00
N GLN A 400 2.44 -3.74 18.91
CA GLN A 400 2.74 -2.29 18.80
C GLN A 400 3.56 -1.99 17.53
N ILE A 401 4.45 -2.93 17.20
CA ILE A 401 5.29 -2.81 15.99
C ILE A 401 4.43 -2.87 14.75
N SER A 402 3.48 -3.83 14.71
CA SER A 402 2.57 -3.95 13.59
C SER A 402 1.72 -2.70 13.33
N GLU A 403 1.36 -1.95 14.38
CA GLU A 403 0.58 -0.74 14.23
C GLU A 403 1.34 0.36 13.51
N MET A 404 2.67 0.26 13.39
CA MET A 404 3.45 1.25 12.65
C MET A 404 3.18 1.20 11.14
N PHE A 405 2.64 0.10 10.65
CA PHE A 405 2.52 -0.10 9.20
C PHE A 405 1.15 0.37 8.74
N ASP A 406 0.91 1.67 8.76
CA ASP A 406 -0.40 2.16 8.34
C ASP A 406 -0.25 3.24 7.24
N SER A 407 -1.39 3.79 6.85
CA SER A 407 -1.51 4.79 5.81
C SER A 407 -0.68 6.04 6.12
N ILE A 408 -0.67 6.43 7.39
CA ILE A 408 0.07 7.61 7.79
C ILE A 408 1.57 7.37 7.49
N SER A 409 2.10 6.25 7.99
CA SER A 409 3.51 5.92 7.80
C SER A 409 3.92 5.90 6.32
N TYR A 410 3.15 5.20 5.48
CA TYR A 410 3.48 5.08 4.05
C TYR A 410 3.16 6.36 3.25
N SER A 411 1.89 6.78 3.28
CA SER A 411 1.41 7.84 2.39
C SER A 411 1.72 9.24 2.90
N LYS A 412 1.58 9.50 4.20
CA LYS A 412 1.99 10.83 4.71
C LYS A 412 3.51 10.89 4.73
N GLY A 413 4.13 9.76 5.11
CA GLY A 413 5.60 9.64 4.95
C GLY A 413 6.09 10.05 3.56
N ALA A 414 5.48 9.47 2.52
CA ALA A 414 5.83 9.84 1.13
C ALA A 414 5.58 11.33 0.88
N SER A 415 4.46 11.84 1.37
CA SER A 415 4.03 13.19 1.06
C SER A 415 5.00 14.18 1.66
N VAL A 416 5.39 13.99 2.92
CA VAL A 416 6.26 14.96 3.56
C VAL A 416 7.68 14.85 3.03
N ILE A 417 8.14 13.65 2.70
CA ILE A 417 9.48 13.52 2.09
C ILE A 417 9.52 14.18 0.70
N ARG A 418 8.47 13.99 -0.09
CA ARG A 418 8.37 14.65 -1.37
C ARG A 418 8.43 16.18 -1.18
N MET A 419 7.69 16.68 -0.19
CA MET A 419 7.71 18.11 0.11
C MET A 419 9.11 18.62 0.41
N LEU A 420 9.81 17.86 1.24
CA LEU A 420 11.15 18.16 1.67
C LEU A 420 12.12 18.17 0.48
N SER A 421 12.05 17.15 -0.36
CA SER A 421 12.87 17.15 -1.56
C SER A 421 12.58 18.39 -2.39
N ASN A 422 11.36 18.78 -2.52
N ASN A 422 11.36 18.77 -2.46
CA ASN A 422 11.01 19.89 -3.35
CA ASN A 422 10.98 19.82 -3.31
C ASN A 422 11.50 21.22 -2.85
C ASN A 422 11.44 21.19 -2.85
N PHE A 423 11.37 21.44 -1.57
CA PHE A 423 11.82 22.75 -1.06
C PHE A 423 13.33 22.84 -0.91
N LEU A 424 13.99 21.71 -0.74
CA LEU A 424 15.43 21.59 -0.89
C LEU A 424 15.99 21.72 -2.31
N THR A 425 15.23 21.23 -3.24
CA THR A 425 15.57 20.91 -4.61
C THR A 425 16.09 19.49 -4.62
N GLU A 426 15.81 18.79 -5.69
CA GLU A 426 16.17 17.41 -5.78
C GLU A 426 17.65 17.23 -5.74
N ASP A 427 18.35 18.11 -6.42
CA ASP A 427 19.80 17.99 -6.44
C ASP A 427 20.41 18.05 -5.05
N LEU A 428 19.92 18.97 -4.24
CA LEU A 428 20.43 19.14 -2.89
C LEU A 428 19.97 18.00 -2.00
N PHE A 429 18.71 17.62 -2.14
CA PHE A 429 18.20 16.45 -1.41
C PHE A 429 19.07 15.21 -1.71
N LYS A 430 19.36 14.96 -2.98
CA LYS A 430 20.16 13.80 -3.35
C LYS A 430 21.55 13.88 -2.77
N GLU A 431 22.11 15.09 -2.66
CA GLU A 431 23.46 15.23 -2.09
C GLU A 431 23.47 14.77 -0.61
N GLY A 432 22.52 15.22 0.19
CA GLY A 432 22.48 14.80 1.59
C GLY A 432 22.09 13.33 1.72
N LEU A 433 21.22 12.86 0.84
CA LEU A 433 20.85 11.47 0.78
C LEU A 433 22.09 10.56 0.59
N ALA A 434 22.94 10.90 -0.38
CA ALA A 434 24.20 10.18 -0.63
C ALA A 434 25.11 10.22 0.60
N SER A 435 25.21 11.39 1.21
CA SER A 435 26.08 11.59 2.38
C SER A 435 25.61 10.66 3.53
N TYR A 436 24.31 10.59 3.72
CA TYR A 436 23.70 9.74 4.72
C TYR A 436 23.97 8.25 4.43
N LEU A 437 23.73 7.82 3.21
CA LEU A 437 23.93 6.40 2.89
C LEU A 437 25.41 5.99 3.03
N HIS A 438 26.30 6.88 2.57
CA HIS A 438 27.74 6.60 2.67
C HIS A 438 28.16 6.57 4.14
N ALA A 439 27.67 7.48 4.97
CA ALA A 439 28.12 7.50 6.36
C ALA A 439 27.60 6.31 7.15
N PHE A 440 26.41 5.81 6.83
CA PHE A 440 25.78 4.79 7.67
C PHE A 440 25.64 3.41 7.00
N ALA A 441 26.31 3.19 5.88
CA ALA A 441 26.24 1.93 5.18
C ALA A 441 26.47 0.76 6.14
N TYR A 442 25.59 -0.24 6.06
CA TYR A 442 25.67 -1.46 6.91
C TYR A 442 25.45 -1.19 8.40
N GLN A 443 24.86 -0.04 8.73
CA GLN A 443 24.59 0.33 10.11
C GLN A 443 23.17 0.75 10.27
N ASN A 444 22.90 1.45 11.35
CA ASN A 444 21.56 1.84 11.74
C ASN A 444 21.42 3.36 12.03
N THR A 445 20.24 3.90 11.87
CA THR A 445 20.01 5.33 12.00
C THR A 445 18.67 5.65 12.63
N THR A 446 18.44 6.92 12.93
CA THR A 446 17.11 7.46 13.17
C THR A 446 16.88 8.57 12.14
N TYR A 447 15.64 9.06 12.06
CA TYR A 447 15.29 10.11 11.10
C TYR A 447 16.18 11.35 11.33
N LEU A 448 16.64 11.57 12.57
CA LEU A 448 17.46 12.76 12.86
C LEU A 448 18.79 12.74 12.10
N ASP A 449 19.25 11.54 11.80
CA ASP A 449 20.47 11.35 11.03
C ASP A 449 20.29 11.78 9.60
N LEU A 450 19.14 11.52 9.01
CA LEU A 450 18.90 11.99 7.67
C LEU A 450 18.82 13.52 7.67
N TRP A 451 18.12 14.09 8.65
CA TRP A 451 17.99 15.55 8.69
C TRP A 451 19.37 16.20 8.80
N GLU A 452 20.24 15.60 9.59
CA GLU A 452 21.56 16.14 9.80
C GLU A 452 22.39 16.15 8.52
N HIS A 453 22.25 15.09 7.75
CA HIS A 453 22.93 15.01 6.48
C HIS A 453 22.37 15.94 5.44
N LEU A 454 21.05 16.09 5.41
CA LEU A 454 20.45 17.11 4.56
C LEU A 454 20.91 18.53 5.00
N GLN A 455 20.99 18.78 6.31
CA GLN A 455 21.45 20.07 6.82
C GLN A 455 22.88 20.35 6.37
N LYS A 456 23.71 19.31 6.39
CA LYS A 456 25.09 19.45 5.90
C LYS A 456 25.12 19.93 4.44
N ALA A 457 24.28 19.35 3.59
CA ALA A 457 24.22 19.78 2.19
C ALA A 457 23.69 21.21 2.04
N VAL A 458 22.64 21.56 2.79
CA VAL A 458 22.16 22.94 2.81
C VAL A 458 23.30 23.89 3.21
N ASP A 459 23.99 23.55 4.29
CA ASP A 459 25.02 24.44 4.81
C ASP A 459 26.20 24.55 3.86
N ALA A 460 26.35 23.58 2.96
CA ALA A 460 27.47 23.63 2.03
C ALA A 460 27.18 24.39 0.72
N GLN A 461 26.02 25.05 0.65
CA GLN A 461 25.69 25.83 -0.55
C GLN A 461 25.02 27.18 -0.14
N THR A 462 24.76 28.04 -1.12
CA THR A 462 24.35 29.43 -0.81
C THR A 462 23.06 29.83 -1.51
N SER A 463 22.54 28.94 -2.32
CA SER A 463 21.45 29.22 -3.20
C SER A 463 20.10 29.07 -2.50
N ILE A 464 19.90 27.91 -1.88
CA ILE A 464 18.66 27.58 -1.22
C ILE A 464 18.76 28.06 0.21
N ARG A 465 17.86 28.95 0.60
CA ARG A 465 17.84 29.48 1.98
C ARG A 465 16.51 29.06 2.63
N LEU A 466 16.59 28.60 3.87
CA LEU A 466 15.42 28.09 4.60
C LEU A 466 15.10 29.05 5.75
N PRO A 467 13.86 29.08 6.24
CA PRO A 467 13.54 30.02 7.35
C PRO A 467 14.01 29.48 8.71
N ASP A 468 14.44 28.23 8.73
CA ASP A 468 14.91 27.57 9.94
C ASP A 468 15.72 26.34 9.50
N THR A 469 16.19 25.55 10.48
CA THR A 469 16.92 24.33 10.18
C THR A 469 16.00 23.29 9.58
N VAL A 470 16.58 22.34 8.85
CA VAL A 470 15.78 21.24 8.29
C VAL A 470 15.00 20.52 9.39
N ARG A 471 15.68 20.26 10.48
CA ARG A 471 15.04 19.59 11.62
C ARG A 471 13.87 20.38 12.21
N ALA A 472 14.05 21.67 12.39
CA ALA A 472 12.97 22.46 12.97
C ALA A 472 11.76 22.48 12.03
N ILE A 473 12.02 22.54 10.73
CA ILE A 473 10.93 22.53 9.76
C ILE A 473 10.21 21.19 9.77
N MET A 474 11.00 20.12 9.64
CA MET A 474 10.43 18.78 9.58
C MET A 474 9.73 18.37 10.90
N ASP A 475 10.25 18.83 12.03
CA ASP A 475 9.57 18.64 13.31
C ASP A 475 8.09 19.04 13.27
N ARG A 476 7.76 20.15 12.58
CA ARG A 476 6.36 20.56 12.48
C ARG A 476 5.54 19.51 11.74
N TRP A 477 6.18 18.80 10.81
CA TRP A 477 5.46 17.87 9.95
C TRP A 477 5.51 16.43 10.45
N THR A 478 6.35 16.18 11.45
CA THR A 478 6.54 14.83 11.97
C THR A 478 6.14 14.62 13.45
N LEU A 479 6.26 15.65 14.28
CA LEU A 479 5.96 15.52 15.71
C LEU A 479 4.48 15.80 16.06
N GLN A 480 3.73 16.43 15.18
CA GLN A 480 2.32 16.65 15.45
C GLN A 480 1.54 16.04 14.30
N MET A 481 0.31 15.61 14.56
CA MET A 481 -0.50 15.04 13.51
C MET A 481 -1.11 16.15 12.65
N GLY A 482 -1.71 15.73 11.54
CA GLY A 482 -2.55 16.56 10.71
C GLY A 482 -1.79 17.50 9.79
N PHE A 483 -2.53 18.44 9.23
CA PHE A 483 -2.00 19.43 8.31
C PHE A 483 -2.91 20.67 8.32
N PRO A 484 -2.39 21.81 7.83
CA PRO A 484 -3.17 23.02 7.85
C PRO A 484 -3.95 23.21 6.56
N VAL A 485 -5.09 23.91 6.68
CA VAL A 485 -5.64 24.64 5.55
C VAL A 485 -4.98 26.04 5.56
N ILE A 486 -4.48 26.41 4.39
CA ILE A 486 -3.97 27.75 4.15
C ILE A 486 -5.07 28.55 3.45
N THR A 487 -5.47 29.66 4.07
CA THR A 487 -6.56 30.47 3.57
C THR A 487 -6.01 31.82 3.16
N VAL A 488 -6.31 32.24 1.93
CA VAL A 488 -5.84 33.51 1.38
C VAL A 488 -7.04 34.47 1.13
N ASP A 489 -6.94 35.70 1.64
CA ASP A 489 -7.82 36.79 1.20
C ASP A 489 -7.06 37.66 0.19
N THR A 490 -7.41 37.52 -1.09
CA THR A 490 -6.65 38.14 -2.18
C THR A 490 -6.87 39.66 -2.31
N LYS A 491 -7.83 40.18 -1.54
CA LYS A 491 -8.07 41.63 -1.50
C LYS A 491 -6.94 42.36 -0.76
N THR A 492 -6.38 41.67 0.22
CA THR A 492 -5.37 42.24 1.11
C THR A 492 -4.03 41.50 1.03
N GLY A 493 -4.06 40.29 0.47
CA GLY A 493 -2.88 39.43 0.54
C GLY A 493 -2.63 38.80 1.91
N ASN A 494 -3.61 38.87 2.79
CA ASN A 494 -3.51 38.20 4.10
C ASN A 494 -3.59 36.67 3.91
N ILE A 495 -2.78 35.96 4.67
CA ILE A 495 -2.71 34.50 4.55
C ILE A 495 -2.69 33.91 5.97
N SER A 496 -3.46 32.85 6.16
CA SER A 496 -3.61 32.28 7.49
C SER A 496 -3.46 30.77 7.42
N GLN A 497 -3.07 30.18 8.55
CA GLN A 497 -3.08 28.72 8.69
C GLN A 497 -3.86 28.27 9.92
N LYS A 498 -4.55 27.15 9.78
CA LYS A 498 -5.10 26.43 10.93
C LYS A 498 -5.23 24.94 10.63
N HIS A 499 -5.17 24.16 11.70
CA HIS A 499 -5.26 22.70 11.63
C HIS A 499 -6.56 22.32 10.91
N PHE A 500 -6.45 21.59 9.81
CA PHE A 500 -7.65 21.25 9.04
C PHE A 500 -8.31 19.95 9.51
N LEU A 501 -9.58 20.04 9.87
CA LEU A 501 -10.40 18.88 10.15
C LEU A 501 -11.66 18.89 9.29
N LEU A 502 -11.96 17.73 8.70
CA LEU A 502 -13.17 17.58 7.88
C LEU A 502 -14.43 17.86 8.65
N ASP A 503 -14.48 17.38 9.89
CA ASP A 503 -15.61 17.61 10.77
C ASP A 503 -15.35 18.89 11.60
N SER A 504 -16.02 19.98 11.24
CA SER A 504 -15.86 21.27 11.95
C SER A 504 -16.31 21.28 13.43
N GLU A 505 -17.04 20.26 13.85
CA GLU A 505 -17.51 20.13 15.24
C GLU A 505 -16.62 19.18 16.05
N SER A 506 -15.58 18.63 15.43
CA SER A 506 -14.61 17.77 16.14
C SER A 506 -13.81 18.45 17.23
N ASN A 507 -13.69 17.77 18.34
CA ASN A 507 -12.76 18.18 19.34
C ASN A 507 -11.46 17.41 19.26
N VAL A 508 -10.39 18.14 19.06
CA VAL A 508 -9.05 17.58 19.04
C VAL A 508 -8.61 17.58 20.48
N THR A 509 -8.18 16.43 20.96
CA THR A 509 -7.68 16.32 22.30
C THR A 509 -6.21 15.93 22.35
N ARG A 510 -5.63 15.45 21.25
CA ARG A 510 -4.17 15.25 21.22
C ARG A 510 -3.44 16.59 21.21
N SER A 511 -2.63 16.84 22.22
CA SER A 511 -1.94 18.13 22.28
C SER A 511 -0.75 18.13 21.32
N SER A 512 -0.40 19.31 20.85
CA SER A 512 0.82 19.51 20.05
C SER A 512 1.73 20.48 20.76
N ALA A 513 3.02 20.18 20.73
CA ALA A 513 4.05 21.07 21.26
C ALA A 513 4.14 22.39 20.48
N PHE A 514 3.52 22.43 19.30
CA PHE A 514 3.57 23.58 18.40
C PHE A 514 2.22 24.28 18.26
N ASP A 515 1.24 23.82 19.02
CA ASP A 515 -0.11 24.38 18.98
C ASP A 515 -0.74 24.30 17.59
N TYR A 516 -0.45 23.22 16.87
CA TYR A 516 -0.94 23.02 15.51
C TYR A 516 -0.69 24.23 14.60
N LEU A 517 0.56 24.69 14.65
CA LEU A 517 1.12 25.59 13.69
C LEU A 517 2.28 24.92 12.98
N TRP A 518 2.37 25.17 11.68
CA TRP A 518 3.41 24.62 10.84
C TRP A 518 4.27 25.73 10.24
N ILE A 519 5.42 25.31 9.72
CA ILE A 519 6.26 26.10 8.85
C ILE A 519 6.09 25.56 7.44
N VAL A 520 5.55 26.40 6.56
CA VAL A 520 4.92 25.92 5.35
C VAL A 520 5.52 26.52 4.08
N PRO A 521 6.05 25.66 3.19
CA PRO A 521 6.58 26.11 1.91
C PRO A 521 5.42 26.33 0.94
N ILE A 522 5.36 27.53 0.39
CA ILE A 522 4.24 27.95 -0.43
C ILE A 522 4.75 28.51 -1.76
N SER A 523 4.64 27.66 -2.79
CA SER A 523 4.80 28.07 -4.18
C SER A 523 3.50 28.74 -4.63
N SER A 524 3.57 29.59 -5.65
CA SER A 524 2.34 30.15 -6.18
C SER A 524 2.51 30.60 -7.61
N ILE A 525 1.38 30.71 -8.29
CA ILE A 525 1.34 31.06 -9.69
C ILE A 525 0.34 32.20 -9.78
N LYS A 526 0.68 33.25 -10.53
CA LYS A 526 -0.23 34.38 -10.69
C LYS A 526 -0.46 34.61 -12.17
N ASN A 527 -1.72 34.58 -12.58
CA ASN A 527 -2.11 34.62 -14.00
C ASN A 527 -1.28 33.68 -14.86
N GLY A 528 -0.99 32.51 -14.32
CA GLY A 528 -0.27 31.47 -15.05
C GLY A 528 1.23 31.63 -15.07
N VAL A 529 1.75 32.59 -14.30
CA VAL A 529 3.18 32.85 -14.21
C VAL A 529 3.64 32.53 -12.79
N MET A 530 4.65 31.69 -12.67
CA MET A 530 5.26 31.38 -11.37
C MET A 530 5.68 32.62 -10.63
N GLN A 531 5.43 32.67 -9.33
CA GLN A 531 5.92 33.80 -8.53
C GLN A 531 7.08 33.29 -7.72
N ASP A 532 7.75 34.20 -7.04
CA ASP A 532 8.75 33.84 -6.05
C ASP A 532 8.17 32.96 -4.95
N HIS A 533 9.00 32.06 -4.45
CA HIS A 533 8.62 31.17 -3.36
C HIS A 533 8.43 31.93 -2.03
N TYR A 534 7.58 31.39 -1.16
CA TYR A 534 7.27 32.03 0.13
C TYR A 534 7.21 30.97 1.20
N TRP A 535 7.67 31.32 2.40
CA TRP A 535 7.48 30.45 3.55
C TRP A 535 6.56 31.10 4.57
N LEU A 536 5.49 30.42 4.93
CA LEU A 536 4.69 30.82 6.08
C LEU A 536 5.38 30.33 7.37
N ARG A 537 5.76 31.26 8.25
CA ARG A 537 6.41 30.89 9.52
C ARG A 537 5.39 30.36 10.52
N ASP A 538 5.82 30.06 11.74
CA ASP A 538 4.90 29.51 12.72
C ASP A 538 4.05 30.60 13.32
N VAL A 539 3.19 31.18 12.48
CA VAL A 539 2.24 32.22 12.88
C VAL A 539 0.90 31.84 12.26
N SER A 540 -0.19 32.15 12.96
CA SER A 540 -1.56 32.02 12.46
C SER A 540 -1.84 32.82 11.22
N GLN A 541 -1.32 34.04 11.22
CA GLN A 541 -1.57 35.01 10.17
C GLN A 541 -0.31 35.71 9.75
N ALA A 542 -0.24 36.00 8.46
CA ALA A 542 0.80 36.86 7.90
C ALA A 542 0.21 37.62 6.70
N GLN A 543 1.01 38.45 6.04
CA GLN A 543 0.58 39.16 4.85
C GLN A 543 1.72 39.21 3.85
N ASN A 544 1.40 39.02 2.58
CA ASN A 544 2.37 39.27 1.55
C ASN A 544 1.69 39.66 0.25
N ASP A 545 2.33 40.55 -0.49
CA ASP A 545 1.80 41.03 -1.78
C ASP A 545 1.78 39.97 -2.88
N LEU A 546 2.53 38.88 -2.68
CA LEU A 546 2.42 37.69 -3.53
C LEU A 546 0.99 37.18 -3.63
N PHE A 547 0.23 37.33 -2.55
CA PHE A 547 -1.12 36.80 -2.41
C PHE A 547 -2.19 37.86 -2.53
N LYS A 548 -1.77 39.07 -2.91
CA LYS A 548 -2.69 40.17 -3.12
C LYS A 548 -2.89 40.31 -4.62
N THR A 549 -4.15 40.39 -5.01
CA THR A 549 -4.49 40.40 -6.40
C THR A 549 -5.23 41.68 -6.82
N ALA A 550 -5.10 42.02 -8.09
CA ALA A 550 -5.92 43.04 -8.70
C ALA A 550 -7.19 42.36 -9.09
N SER A 551 -8.23 43.16 -9.26
CA SER A 551 -9.56 42.64 -9.50
C SER A 551 -9.63 41.68 -10.67
N ASP A 552 -8.83 41.87 -11.70
CA ASP A 552 -8.84 40.95 -12.83
C ASP A 552 -7.72 39.90 -12.73
N ASP A 553 -7.00 39.92 -11.63
CA ASP A 553 -5.87 39.04 -11.44
C ASP A 553 -6.29 37.81 -10.64
N TRP A 554 -5.73 36.65 -10.94
CA TRP A 554 -5.91 35.50 -10.06
C TRP A 554 -4.62 34.94 -9.55
N VAL A 555 -4.68 34.39 -8.35
CA VAL A 555 -3.54 33.70 -7.76
C VAL A 555 -3.94 32.30 -7.26
N LEU A 556 -2.98 31.38 -7.30
CA LEU A 556 -3.20 29.99 -6.97
C LEU A 556 -1.97 29.47 -6.27
N LEU A 557 -2.15 28.80 -5.14
CA LEU A 557 -1.05 28.35 -4.29
C LEU A 557 -0.79 26.84 -4.35
N ASN A 558 0.40 26.45 -3.95
CA ASN A 558 0.83 25.05 -3.93
C ASN A 558 0.86 24.39 -5.27
N VAL A 559 1.80 24.83 -6.10
CA VAL A 559 1.89 24.30 -7.43
C VAL A 559 2.20 22.82 -7.38
N ASN A 560 1.44 22.07 -8.14
CA ASN A 560 1.55 20.66 -8.21
C ASN A 560 1.39 19.93 -6.88
N VAL A 561 0.81 20.61 -5.92
CA VAL A 561 0.56 20.09 -4.59
C VAL A 561 1.79 19.42 -4.03
N THR A 562 2.91 20.11 -4.11
CA THR A 562 4.15 19.61 -3.54
C THR A 562 4.11 19.74 -1.99
N GLY A 563 3.35 20.70 -1.49
CA GLY A 563 3.18 20.91 -0.06
C GLY A 563 2.00 20.13 0.52
N TYR A 564 2.19 19.60 1.72
CA TYR A 564 1.18 18.81 2.41
C TYR A 564 0.16 19.72 3.11
N PHE A 565 -0.67 20.38 2.30
CA PHE A 565 -1.72 21.26 2.85
C PHE A 565 -2.77 21.50 1.81
N GLN A 566 -3.93 22.02 2.22
CA GLN A 566 -4.98 22.36 1.30
C GLN A 566 -5.15 23.86 1.36
N VAL A 567 -5.76 24.44 0.32
CA VAL A 567 -5.81 25.90 0.17
C VAL A 567 -7.23 26.37 -0.05
N ASN A 568 -7.61 27.42 0.69
CA ASN A 568 -8.86 28.13 0.44
C ASN A 568 -8.59 29.60 0.08
N TYR A 569 -9.49 30.18 -0.70
CA TYR A 569 -9.41 31.58 -1.12
C TYR A 569 -10.72 32.26 -0.77
N ASP A 570 -10.74 33.60 -0.82
CA ASP A 570 -11.99 34.35 -0.83
C ASP A 570 -12.77 33.97 -2.10
N GLU A 571 -14.08 34.20 -2.11
CA GLU A 571 -14.93 33.80 -3.24
C GLU A 571 -14.56 34.46 -4.57
N ASP A 572 -14.14 35.72 -4.53
CA ASP A 572 -13.76 36.42 -5.76
C ASP A 572 -12.60 35.72 -6.49
N ASN A 573 -11.55 35.38 -5.74
CA ASN A 573 -10.44 34.67 -6.37
C ASN A 573 -10.81 33.27 -6.89
N TRP A 574 -11.69 32.59 -6.17
CA TRP A 574 -12.29 31.36 -6.68
C TRP A 574 -12.99 31.56 -8.04
N ARG A 575 -13.82 32.62 -8.14
CA ARG A 575 -14.58 32.87 -9.37
C ARG A 575 -13.62 33.13 -10.53
N MET A 576 -12.49 33.77 -10.23
CA MET A 576 -11.50 34.09 -11.24
C MET A 576 -10.79 32.83 -11.75
N ILE A 577 -10.43 31.94 -10.83
CA ILE A 577 -9.85 30.65 -11.20
C ILE A 577 -10.87 29.89 -12.06
N GLN A 578 -12.12 29.89 -11.64
CA GLN A 578 -13.19 29.30 -12.43
C GLN A 578 -13.25 29.86 -13.87
N HIS A 579 -13.26 31.19 -14.00
CA HIS A 579 -13.29 31.84 -15.34
C HIS A 579 -12.11 31.33 -16.19
N GLN A 580 -10.92 31.35 -15.61
CA GLN A 580 -9.72 30.87 -16.28
C GLN A 580 -9.90 29.43 -16.77
N LEU A 581 -10.38 28.58 -15.87
CA LEU A 581 -10.57 27.18 -16.23
C LEU A 581 -11.59 27.04 -17.35
N GLN A 582 -12.63 27.87 -17.34
CA GLN A 582 -13.62 27.85 -18.41
C GLN A 582 -13.10 28.41 -19.74
N THR A 583 -12.21 29.41 -19.68
CA THR A 583 -11.80 30.10 -20.90
C THR A 583 -10.45 29.64 -21.49
N ASN A 584 -9.42 29.43 -20.66
CA ASN A 584 -8.18 28.73 -21.11
C ASN A 584 -7.60 27.95 -19.91
N LEU A 585 -8.00 26.67 -19.83
CA LEU A 585 -7.64 25.79 -18.71
C LEU A 585 -6.17 25.45 -18.67
N SER A 586 -5.55 25.51 -19.84
CA SER A 586 -4.14 25.13 -20.04
C SER A 586 -3.15 26.02 -19.30
N VAL A 587 -3.59 27.20 -18.91
CA VAL A 587 -2.81 28.14 -18.11
C VAL A 587 -2.53 27.62 -16.68
N ILE A 588 -3.37 26.69 -16.22
CA ILE A 588 -3.22 26.12 -14.88
C ILE A 588 -2.72 24.69 -14.98
N PRO A 589 -1.60 24.38 -14.30
CA PRO A 589 -1.07 23.03 -14.36
C PRO A 589 -2.13 21.97 -14.08
N VAL A 590 -2.05 20.83 -14.76
CA VAL A 590 -3.07 19.80 -14.64
C VAL A 590 -3.27 19.32 -13.19
N ILE A 591 -2.19 19.17 -12.44
CA ILE A 591 -2.35 18.76 -11.04
C ILE A 591 -3.14 19.81 -10.25
N ASN A 592 -2.94 21.09 -10.55
CA ASN A 592 -3.73 22.10 -9.82
C ASN A 592 -5.18 22.21 -10.28
N ARG A 593 -5.44 21.85 -11.53
CA ARG A 593 -6.83 21.74 -12.00
C ARG A 593 -7.54 20.71 -11.15
N ALA A 594 -6.82 19.65 -10.77
CA ALA A 594 -7.37 18.62 -9.88
C ALA A 594 -7.47 19.11 -8.44
N GLN A 595 -6.45 19.83 -7.99
CA GLN A 595 -6.38 20.37 -6.63
C GLN A 595 -7.58 21.22 -6.26
N VAL A 596 -7.98 22.10 -7.18
CA VAL A 596 -9.09 22.99 -7.01
C VAL A 596 -10.34 22.21 -6.67
N ILE A 597 -10.51 21.08 -7.34
CA ILE A 597 -11.63 20.17 -7.07
C ILE A 597 -11.47 19.43 -5.72
N TYR A 598 -10.35 18.73 -5.55
CA TYR A 598 -10.09 18.00 -4.33
C TYR A 598 -10.26 18.87 -3.08
N ASP A 599 -9.57 20.01 -3.09
CA ASP A 599 -9.58 20.91 -1.95
C ASP A 599 -10.98 21.46 -1.67
N SER A 600 -11.67 21.96 -2.69
CA SER A 600 -12.94 22.62 -2.44
C SER A 600 -14.01 21.66 -1.89
N PHE A 601 -14.00 20.38 -2.30
CA PHE A 601 -15.00 19.45 -1.73
C PHE A 601 -14.66 19.15 -0.27
N ASN A 602 -13.39 19.05 0.06
CA ASN A 602 -13.00 18.90 1.48
C ASN A 602 -13.38 20.14 2.31
N LEU A 603 -13.11 21.32 1.76
CA LEU A 603 -13.49 22.57 2.41
C LEU A 603 -15.01 22.67 2.62
N ALA A 604 -15.79 22.22 1.64
CA ALA A 604 -17.24 22.17 1.78
C ALA A 604 -17.65 21.22 2.93
N THR A 605 -17.04 20.03 2.99
CA THR A 605 -17.28 19.09 4.09
C THR A 605 -17.06 19.77 5.46
N ALA A 606 -15.96 20.52 5.55
CA ALA A 606 -15.56 21.22 6.78
C ALA A 606 -16.29 22.55 6.95
N HIS A 607 -17.23 22.84 6.05
CA HIS A 607 -18.03 24.08 6.11
C HIS A 607 -17.25 25.37 5.91
N MET A 608 -16.16 25.29 5.15
CA MET A 608 -15.36 26.48 4.89
C MET A 608 -15.69 27.15 3.56
N VAL A 609 -16.31 26.39 2.65
CA VAL A 609 -16.95 26.98 1.48
C VAL A 609 -18.35 26.35 1.32
N PRO A 610 -19.25 27.01 0.56
CA PRO A 610 -20.52 26.36 0.27
C PRO A 610 -20.32 25.18 -0.66
N VAL A 611 -21.20 24.18 -0.55
CA VAL A 611 -21.06 22.98 -1.38
C VAL A 611 -21.19 23.37 -2.86
N THR A 612 -21.93 24.45 -3.15
CA THR A 612 -22.11 24.91 -4.53
C THR A 612 -20.82 25.47 -5.15
N LEU A 613 -19.93 25.96 -4.31
CA LEU A 613 -18.64 26.45 -4.80
C LEU A 613 -17.79 25.26 -5.27
N ALA A 614 -17.80 24.18 -4.51
CA ALA A 614 -17.10 22.96 -4.93
C ALA A 614 -17.68 22.45 -6.24
N LEU A 615 -19.00 22.43 -6.33
CA LEU A 615 -19.67 22.00 -7.56
C LEU A 615 -19.32 22.91 -8.74
N ASP A 616 -19.35 24.22 -8.50
CA ASP A 616 -18.92 25.21 -9.48
C ASP A 616 -17.54 24.88 -10.08
N ASN A 617 -16.65 24.33 -9.25
CA ASN A 617 -15.30 23.92 -9.70
C ASN A 617 -15.25 22.70 -10.62
N THR A 618 -16.40 22.08 -10.88
CA THR A 618 -16.47 20.98 -11.83
C THR A 618 -16.98 21.44 -13.18
N LEU A 619 -17.49 22.67 -13.25
CA LEU A 619 -18.13 23.16 -14.46
C LEU A 619 -17.17 23.20 -15.65
N PHE A 620 -15.87 23.37 -15.37
CA PHE A 620 -14.88 23.42 -16.46
C PHE A 620 -14.62 22.07 -17.14
N LEU A 621 -15.07 20.98 -16.50
CA LEU A 621 -14.70 19.65 -16.98
C LEU A 621 -15.20 19.31 -18.38
N ASN A 622 -16.22 19.99 -18.88
CA ASN A 622 -16.71 19.70 -20.23
C ASN A 622 -15.61 19.89 -21.30
N GLY A 623 -14.65 20.76 -21.01
CA GLY A 623 -13.50 20.99 -21.91
C GLY A 623 -12.21 20.34 -21.43
N GLU A 624 -12.28 19.53 -20.38
CA GLU A 624 -11.09 18.89 -19.81
C GLU A 624 -10.82 17.54 -20.45
N LYS A 625 -9.62 17.33 -20.96
CA LYS A 625 -9.28 16.07 -21.61
C LYS A 625 -8.38 15.18 -20.75
N GLU A 626 -7.81 15.74 -19.69
CA GLU A 626 -6.77 15.03 -18.96
C GLU A 626 -7.35 14.26 -17.79
N TYR A 627 -6.60 13.25 -17.37
CA TYR A 627 -7.06 12.28 -16.41
C TYR A 627 -7.37 12.91 -15.06
N MET A 628 -6.41 13.63 -14.51
CA MET A 628 -6.45 13.91 -13.06
C MET A 628 -7.62 14.74 -12.56
N PRO A 629 -7.95 15.85 -13.25
CA PRO A 629 -9.07 16.66 -12.77
C PRO A 629 -10.39 15.90 -12.85
N TRP A 630 -10.57 15.08 -13.88
CA TRP A 630 -11.76 14.24 -13.94
C TRP A 630 -11.78 13.22 -12.79
N GLN A 631 -10.62 12.64 -12.48
CA GLN A 631 -10.51 11.73 -11.33
C GLN A 631 -10.85 12.41 -10.02
N ALA A 632 -10.40 13.64 -9.85
CA ALA A 632 -10.74 14.41 -8.64
C ALA A 632 -12.25 14.57 -8.48
N ALA A 633 -12.92 14.91 -9.59
CA ALA A 633 -14.36 15.08 -9.57
C ALA A 633 -15.06 13.77 -9.24
N LEU A 634 -14.62 12.69 -9.89
CA LEU A 634 -15.24 11.38 -9.68
C LEU A 634 -15.05 10.86 -8.24
N SER A 635 -13.86 11.00 -7.68
CA SER A 635 -13.61 10.63 -6.28
C SER A 635 -14.43 11.47 -5.31
N SER A 636 -14.58 12.76 -5.60
CA SER A 636 -15.24 13.69 -4.68
C SER A 636 -16.74 13.54 -4.77
N LEU A 637 -17.21 13.04 -5.91
CA LEU A 637 -18.64 12.86 -6.13
C LEU A 637 -19.19 11.45 -5.89
N SER A 638 -18.33 10.45 -5.67
CA SER A 638 -18.87 9.11 -5.42
C SER A 638 -19.77 9.10 -4.18
N TYR A 639 -19.39 9.86 -3.16
CA TYR A 639 -20.24 10.03 -1.98
C TYR A 639 -21.61 10.63 -2.33
N PHE A 640 -21.63 11.60 -3.24
CA PHE A 640 -22.90 12.22 -3.66
C PHE A 640 -23.80 11.19 -4.32
N SER A 641 -23.19 10.33 -5.11
CA SER A 641 -23.93 9.26 -5.77
C SER A 641 -24.42 8.25 -4.74
N LEU A 642 -23.56 7.87 -3.81
CA LEU A 642 -23.92 6.98 -2.71
C LEU A 642 -25.11 7.48 -1.90
N MET A 643 -25.08 8.76 -1.59
CA MET A 643 -26.15 9.38 -0.82
C MET A 643 -27.41 9.59 -1.62
N PHE A 644 -27.27 9.98 -2.89
CA PHE A 644 -28.44 10.43 -3.66
C PHE A 644 -28.98 9.51 -4.76
N ASP A 645 -28.33 8.39 -5.03
CA ASP A 645 -28.74 7.63 -6.21
C ASP A 645 -30.10 6.92 -6.10
N ARG A 646 -30.77 7.06 -4.96
CA ARG A 646 -32.12 6.55 -4.79
C ARG A 646 -33.16 7.68 -4.66
N SER A 647 -32.70 8.92 -4.88
CA SER A 647 -33.53 10.08 -4.59
C SER A 647 -33.76 10.87 -5.84
N GLU A 648 -34.67 11.84 -5.71
CA GLU A 648 -34.98 12.79 -6.78
C GLU A 648 -33.78 13.62 -7.23
N VAL A 649 -32.65 13.55 -6.51
CA VAL A 649 -31.47 14.32 -6.91
C VAL A 649 -30.77 13.63 -8.09
N TYR A 650 -31.00 12.34 -8.25
CA TYR A 650 -30.19 11.56 -9.17
C TYR A 650 -30.41 11.89 -10.64
N GLY A 651 -31.66 12.11 -11.05
CA GLY A 651 -31.93 12.47 -12.45
C GLY A 651 -31.05 13.64 -12.92
N PRO A 652 -31.16 14.79 -12.23
CA PRO A 652 -30.36 15.97 -12.57
C PRO A 652 -28.85 15.76 -12.41
N MET A 653 -28.45 14.98 -11.40
CA MET A 653 -27.03 14.62 -11.26
C MET A 653 -26.49 13.85 -12.47
N LYS A 654 -27.19 12.81 -12.89
CA LYS A 654 -26.79 12.04 -14.08
C LYS A 654 -26.82 12.92 -15.31
N LYS A 655 -27.90 13.72 -15.44
CA LYS A 655 -28.01 14.64 -16.56
C LYS A 655 -26.78 15.59 -16.62
N TYR A 656 -26.39 16.11 -15.46
CA TYR A 656 -25.24 17.00 -15.40
C TYR A 656 -23.96 16.29 -15.84
N LEU A 657 -23.75 15.07 -15.34
CA LEU A 657 -22.53 14.31 -15.68
C LEU A 657 -22.52 13.86 -17.14
N ARG A 658 -23.67 13.49 -17.69
CA ARG A 658 -23.75 13.25 -19.14
C ARG A 658 -23.31 14.46 -19.95
N LYS A 659 -23.76 15.65 -19.57
CA LYS A 659 -23.42 16.88 -20.27
C LYS A 659 -21.93 17.17 -20.23
N GLN A 660 -21.35 16.95 -19.06
CA GLN A 660 -19.93 17.19 -18.85
C GLN A 660 -19.04 16.19 -19.56
N VAL A 661 -19.47 14.94 -19.63
CA VAL A 661 -18.61 13.91 -20.15
C VAL A 661 -18.78 13.67 -21.64
N GLU A 662 -19.92 14.06 -22.21
CA GLU A 662 -20.18 13.81 -23.63
C GLU A 662 -19.04 14.32 -24.54
N PRO A 663 -18.57 15.57 -24.36
CA PRO A 663 -17.50 16.07 -25.24
C PRO A 663 -16.21 15.26 -25.11
N LEU A 664 -15.94 14.76 -23.92
CA LEU A 664 -14.79 13.89 -23.74
C LEU A 664 -14.99 12.53 -24.43
N PHE A 665 -16.15 11.92 -24.22
CA PHE A 665 -16.51 10.70 -24.91
C PHE A 665 -16.32 10.86 -26.41
N GLN A 666 -16.83 11.97 -26.93
CA GLN A 666 -16.73 12.30 -28.37
C GLN A 666 -15.29 12.40 -28.81
N HIS A 667 -14.49 13.07 -27.98
CA HIS A 667 -13.08 13.28 -28.26
C HIS A 667 -12.36 11.95 -28.46
N PHE A 668 -12.54 11.03 -27.52
CA PHE A 668 -11.88 9.74 -27.58
C PHE A 668 -12.40 8.91 -28.74
N GLU A 669 -13.70 9.01 -28.99
CA GLU A 669 -14.29 8.32 -30.14
C GLU A 669 -13.54 8.62 -31.42
N THR A 670 -13.26 9.89 -31.65
CA THR A 670 -12.48 10.31 -32.82
C THR A 670 -11.01 9.92 -32.65
N LEU A 671 -10.37 10.40 -31.58
CA LEU A 671 -8.96 10.09 -31.31
C LEU A 671 -8.62 8.59 -31.44
N THR A 672 -9.46 7.72 -30.86
CA THR A 672 -9.20 6.28 -30.89
C THR A 672 -9.58 5.59 -32.20
N LYS A 673 -9.94 6.38 -33.22
CA LYS A 673 -10.38 5.85 -34.50
C LYS A 673 -11.52 4.87 -34.30
N ASN A 674 -12.56 5.37 -33.65
CA ASN A 674 -13.76 4.58 -33.39
C ASN A 674 -13.43 3.46 -32.44
N TRP A 675 -12.66 3.80 -31.40
CA TRP A 675 -12.36 2.88 -30.30
C TRP A 675 -11.51 1.69 -30.71
N THR A 676 -10.84 1.77 -31.85
CA THR A 676 -10.00 0.67 -32.32
C THR A 676 -8.54 0.77 -31.86
N GLU A 677 -8.09 1.95 -31.46
CA GLU A 677 -6.75 2.07 -30.92
C GLU A 677 -6.68 3.00 -29.72
N ARG A 678 -5.99 2.52 -28.69
CA ARG A 678 -5.91 3.22 -27.44
C ARG A 678 -5.05 4.46 -27.55
N PRO A 679 -5.31 5.46 -26.69
CA PRO A 679 -4.38 6.58 -26.60
C PRO A 679 -2.99 6.08 -26.24
N GLU A 680 -2.00 6.92 -26.47
CA GLU A 680 -0.62 6.46 -26.45
C GLU A 680 -0.03 6.30 -25.05
N ASN A 681 -0.01 7.39 -24.28
CA ASN A 681 0.52 7.36 -22.92
C ASN A 681 -0.49 6.96 -21.83
N LEU A 682 0.02 6.74 -20.64
CA LEU A 682 -0.79 6.25 -19.52
C LEU A 682 -1.93 7.18 -19.12
N MET A 683 -1.62 8.46 -18.88
CA MET A 683 -2.62 9.40 -18.38
C MET A 683 -3.81 9.49 -19.33
N ASP A 684 -3.54 9.55 -20.63
CA ASP A 684 -4.62 9.59 -21.59
C ASP A 684 -5.42 8.28 -21.64
N GLN A 685 -4.75 7.13 -21.49
CA GLN A 685 -5.49 5.86 -21.38
C GLN A 685 -6.38 5.88 -20.14
N TYR A 686 -5.85 6.37 -19.02
CA TYR A 686 -6.63 6.51 -17.80
C TYR A 686 -7.79 7.48 -18.03
N SER A 687 -7.56 8.58 -18.75
CA SER A 687 -8.65 9.51 -19.00
C SER A 687 -9.75 8.79 -19.79
N GLU A 688 -9.35 8.01 -20.79
CA GLU A 688 -10.33 7.28 -21.61
C GLU A 688 -11.12 6.26 -20.80
N ILE A 689 -10.44 5.51 -19.94
CA ILE A 689 -11.13 4.56 -19.08
C ILE A 689 -12.21 5.25 -18.25
N ASN A 690 -11.85 6.35 -17.60
CA ASN A 690 -12.78 7.12 -16.79
C ASN A 690 -13.92 7.74 -17.59
N ALA A 691 -13.60 8.21 -18.80
CA ALA A 691 -14.61 8.86 -19.63
C ALA A 691 -15.68 7.84 -20.00
N ILE A 692 -15.23 6.64 -20.37
CA ILE A 692 -16.16 5.59 -20.74
C ILE A 692 -16.95 5.12 -19.54
N SER A 693 -16.26 4.88 -18.45
CA SER A 693 -16.97 4.52 -17.25
C SER A 693 -18.03 5.56 -16.86
N THR A 694 -17.65 6.83 -16.91
CA THR A 694 -18.58 7.93 -16.53
C THR A 694 -19.74 8.04 -17.52
N ALA A 695 -19.44 7.95 -18.80
CA ALA A 695 -20.47 8.08 -19.81
C ALA A 695 -21.50 6.96 -19.64
N CYS A 696 -21.02 5.72 -19.53
CA CYS A 696 -21.88 4.55 -19.44
C CYS A 696 -22.71 4.51 -18.17
N SER A 697 -22.08 4.81 -17.05
CA SER A 697 -22.77 4.71 -15.80
C SER A 697 -23.78 5.86 -15.66
N ASN A 698 -23.61 6.96 -16.40
CA ASN A 698 -24.58 8.06 -16.34
C ASN A 698 -25.60 8.04 -17.47
N GLY A 699 -25.53 7.01 -18.30
CA GLY A 699 -26.61 6.72 -19.22
C GLY A 699 -26.48 7.40 -20.55
N LEU A 700 -25.24 7.73 -20.95
CA LEU A 700 -25.04 8.32 -22.27
C LEU A 700 -25.38 7.29 -23.32
N PRO A 701 -26.43 7.55 -24.14
CA PRO A 701 -26.81 6.53 -25.13
C PRO A 701 -25.65 6.00 -26.00
N GLN A 702 -24.75 6.87 -26.48
CA GLN A 702 -23.62 6.41 -27.30
C GLN A 702 -22.68 5.44 -26.57
N CYS A 703 -22.51 5.58 -25.25
CA CYS A 703 -21.69 4.62 -24.52
C CYS A 703 -22.39 3.27 -24.38
N GLU A 704 -23.67 3.30 -24.04
CA GLU A 704 -24.49 2.09 -23.96
C GLU A 704 -24.48 1.33 -25.27
N ASN A 705 -24.60 2.06 -26.37
CA ASN A 705 -24.50 1.53 -27.73
C ASN A 705 -23.21 0.74 -27.96
N LEU A 706 -22.10 1.34 -27.56
CA LEU A 706 -20.77 0.75 -27.72
C LEU A 706 -20.65 -0.54 -26.91
N ALA A 707 -21.12 -0.50 -25.67
CA ALA A 707 -21.05 -1.63 -24.75
C ALA A 707 -21.88 -2.81 -25.24
N LYS A 708 -23.09 -2.54 -25.70
CA LYS A 708 -23.94 -3.61 -26.23
C LYS A 708 -23.32 -4.25 -27.48
N THR A 709 -22.85 -3.41 -28.40
CA THR A 709 -22.21 -3.87 -29.65
C THR A 709 -21.00 -4.75 -29.35
N LEU A 710 -20.13 -4.28 -28.46
CA LEU A 710 -18.93 -5.05 -28.13
C LEU A 710 -19.25 -6.38 -27.44
N PHE A 711 -20.16 -6.36 -26.47
CA PHE A 711 -20.51 -7.58 -25.77
C PHE A 711 -21.24 -8.55 -26.69
N ASP A 712 -22.17 -8.03 -27.52
CA ASP A 712 -22.83 -8.85 -28.54
C ASP A 712 -21.78 -9.50 -29.44
N GLN A 713 -20.80 -8.72 -29.88
CA GLN A 713 -19.75 -9.24 -30.72
C GLN A 713 -18.93 -10.33 -30.02
N TRP A 714 -18.65 -10.13 -28.73
CA TRP A 714 -17.94 -11.13 -27.95
C TRP A 714 -18.74 -12.43 -27.82
N MET A 715 -20.04 -12.31 -27.53
CA MET A 715 -20.90 -13.47 -27.37
C MET A 715 -21.02 -14.32 -28.62
N SER A 716 -20.88 -13.69 -29.78
CA SER A 716 -20.97 -14.38 -31.05
C SER A 716 -19.65 -15.02 -31.41
N ASP A 717 -18.58 -14.73 -30.68
CA ASP A 717 -17.25 -15.27 -30.97
C ASP A 717 -16.43 -15.30 -29.67
N PRO A 718 -16.79 -16.22 -28.74
CA PRO A 718 -16.29 -16.20 -27.37
C PRO A 718 -14.76 -16.29 -27.20
N GLU A 719 -14.08 -16.96 -28.10
CA GLU A 719 -12.63 -17.16 -27.99
C GLU A 719 -11.83 -15.94 -28.42
N ASN A 720 -12.49 -15.02 -29.14
CA ASN A 720 -11.86 -13.79 -29.57
C ASN A 720 -12.50 -12.59 -28.91
N ASN A 721 -12.06 -12.31 -27.70
CA ASN A 721 -12.62 -11.21 -26.93
C ASN A 721 -12.24 -9.91 -27.63
N PRO A 722 -13.23 -9.17 -28.16
CA PRO A 722 -12.92 -7.95 -28.91
C PRO A 722 -12.73 -6.71 -28.01
N ILE A 723 -12.81 -6.89 -26.70
CA ILE A 723 -12.79 -5.77 -25.78
C ILE A 723 -11.40 -5.62 -25.14
N HIS A 724 -10.77 -4.48 -25.39
CA HIS A 724 -9.46 -4.23 -24.79
C HIS A 724 -9.55 -4.29 -23.27
N PRO A 725 -8.52 -4.85 -22.61
CA PRO A 725 -8.57 -4.97 -21.15
C PRO A 725 -8.86 -3.67 -20.39
N ASN A 726 -8.42 -2.52 -20.90
CA ASN A 726 -8.65 -1.24 -20.24
C ASN A 726 -10.13 -0.96 -20.05
N LEU A 727 -10.93 -1.40 -21.02
CA LEU A 727 -12.36 -1.05 -21.07
C LEU A 727 -13.32 -2.12 -20.55
N ARG A 728 -12.79 -3.30 -20.23
CA ARG A 728 -13.62 -4.43 -19.86
C ARG A 728 -14.56 -4.21 -18.71
N SER A 729 -14.08 -3.60 -17.63
CA SER A 729 -14.92 -3.49 -16.44
C SER A 729 -16.20 -2.69 -16.74
N THR A 730 -16.09 -1.60 -17.48
CA THR A 730 -17.26 -0.83 -17.90
C THR A 730 -18.08 -1.59 -18.93
N ILE A 731 -17.43 -2.06 -19.99
CA ILE A 731 -18.18 -2.69 -21.09
C ILE A 731 -18.92 -3.88 -20.57
N TYR A 732 -18.24 -4.75 -19.83
CA TYR A 732 -18.93 -5.90 -19.21
C TYR A 732 -20.13 -5.46 -18.37
N CYS A 733 -19.89 -4.54 -17.44
CA CYS A 733 -20.92 -4.11 -16.50
C CYS A 733 -22.13 -3.50 -17.22
N ASN A 734 -21.89 -2.57 -18.13
CA ASN A 734 -22.98 -1.87 -18.82
C ASN A 734 -23.79 -2.80 -19.72
N ALA A 735 -23.09 -3.65 -20.45
CA ALA A 735 -23.78 -4.60 -21.32
C ALA A 735 -24.61 -5.60 -20.51
N ILE A 736 -24.10 -6.06 -19.35
CA ILE A 736 -24.89 -6.94 -18.48
C ILE A 736 -26.13 -6.21 -17.93
N ALA A 737 -25.96 -4.93 -17.61
CA ALA A 737 -27.08 -4.15 -17.09
C ALA A 737 -28.17 -4.03 -18.12
N GLN A 738 -27.76 -3.78 -19.35
CA GLN A 738 -28.69 -3.59 -20.46
C GLN A 738 -29.38 -4.89 -20.82
N GLY A 739 -28.70 -6.03 -20.61
CA GLY A 739 -29.25 -7.33 -21.07
C GLY A 739 -29.95 -8.13 -20.00
N GLY A 740 -30.08 -9.43 -20.24
CA GLY A 740 -30.81 -10.32 -19.35
C GLY A 740 -30.02 -11.56 -19.01
N GLN A 741 -30.69 -12.70 -18.96
CA GLN A 741 -30.00 -13.91 -18.55
C GLN A 741 -29.03 -14.44 -19.62
N ASP A 742 -29.19 -14.04 -20.88
CA ASP A 742 -28.27 -14.48 -21.92
C ASP A 742 -26.87 -13.92 -21.72
N GLN A 743 -26.78 -12.62 -21.47
CA GLN A 743 -25.51 -11.97 -21.19
C GLN A 743 -24.96 -12.45 -19.86
N TRP A 744 -25.84 -12.51 -18.84
CA TRP A 744 -25.44 -12.96 -17.52
C TRP A 744 -24.91 -14.38 -17.53
N ASP A 745 -25.65 -15.31 -18.13
CA ASP A 745 -25.20 -16.70 -18.16
C ASP A 745 -23.91 -16.87 -18.94
N PHE A 746 -23.73 -16.05 -19.96
CA PHE A 746 -22.54 -16.10 -20.79
C PHE A 746 -21.31 -15.65 -20.00
N ALA A 747 -21.45 -14.51 -19.32
CA ALA A 747 -20.41 -13.99 -18.44
C ALA A 747 -20.14 -14.96 -17.28
N TRP A 748 -21.18 -15.64 -16.79
CA TRP A 748 -20.95 -16.63 -15.73
C TRP A 748 -20.09 -17.80 -16.23
N GLY A 749 -20.39 -18.31 -17.43
CA GLY A 749 -19.57 -19.36 -18.05
C GLY A 749 -18.13 -18.91 -18.27
N GLN A 750 -17.97 -17.70 -18.78
CA GLN A 750 -16.63 -17.10 -18.87
C GLN A 750 -15.95 -17.02 -17.51
N LEU A 751 -16.69 -16.63 -16.49
CA LEU A 751 -16.08 -16.57 -15.15
C LEU A 751 -15.62 -17.94 -14.68
N GLN A 752 -16.50 -18.93 -14.80
CA GLN A 752 -16.20 -20.30 -14.33
C GLN A 752 -14.97 -20.95 -14.99
N GLN A 753 -14.58 -20.48 -16.17
CA GLN A 753 -13.42 -21.05 -16.84
C GLN A 753 -12.22 -20.10 -16.91
N ALA A 754 -12.38 -18.88 -16.41
CA ALA A 754 -11.28 -17.91 -16.43
C ALA A 754 -10.05 -18.49 -15.73
N GLN A 755 -8.88 -18.33 -16.33
CA GLN A 755 -7.64 -18.82 -15.73
C GLN A 755 -6.91 -17.70 -15.00
N LEU A 756 -7.26 -16.44 -15.27
CA LEU A 756 -6.51 -15.30 -14.75
C LEU A 756 -7.31 -14.51 -13.76
N VAL A 757 -6.72 -14.29 -12.59
CA VAL A 757 -7.39 -13.64 -11.46
C VAL A 757 -8.01 -12.31 -11.89
N ASN A 758 -7.25 -11.49 -12.60
CA ASN A 758 -7.74 -10.16 -12.94
C ASN A 758 -8.99 -10.20 -13.81
N GLU A 759 -9.03 -11.14 -14.76
CA GLU A 759 -10.19 -11.28 -15.64
C GLU A 759 -11.38 -11.85 -14.86
N ALA A 760 -11.12 -12.82 -14.01
CA ALA A 760 -12.16 -13.33 -13.11
C ALA A 760 -12.77 -12.23 -12.21
N ASP A 761 -11.91 -11.35 -11.66
CA ASP A 761 -12.38 -10.20 -10.84
C ASP A 761 -13.33 -9.28 -11.59
N LYS A 762 -13.00 -8.96 -12.84
CA LYS A 762 -13.85 -8.08 -13.64
C LYS A 762 -15.20 -8.69 -13.97
N LEU A 763 -15.18 -10.00 -14.23
CA LEU A 763 -16.41 -10.72 -14.50
C LEU A 763 -17.28 -10.76 -13.26
N ARG A 764 -16.66 -11.06 -12.13
CA ARG A 764 -17.41 -11.15 -10.86
C ARG A 764 -18.05 -9.83 -10.57
N SER A 765 -17.29 -8.76 -10.77
CA SER A 765 -17.80 -7.43 -10.54
C SER A 765 -18.93 -7.08 -11.51
N ALA A 766 -18.72 -7.38 -12.80
CA ALA A 766 -19.71 -7.07 -13.84
C ALA A 766 -20.99 -7.86 -13.68
N LEU A 767 -20.91 -9.09 -13.19
CA LEU A 767 -22.12 -9.88 -12.95
C LEU A 767 -23.06 -9.20 -11.95
N ALA A 768 -22.50 -8.38 -11.06
CA ALA A 768 -23.32 -7.64 -10.08
C ALA A 768 -24.08 -6.44 -10.68
N CYS A 769 -23.91 -6.18 -11.97
CA CYS A 769 -24.52 -5.02 -12.64
C CYS A 769 -25.88 -5.34 -13.26
N SER A 770 -26.35 -6.57 -13.12
CA SER A 770 -27.63 -6.92 -13.70
C SER A 770 -28.73 -6.06 -13.09
N ASN A 771 -29.74 -5.70 -13.86
CA ASN A 771 -30.89 -4.97 -13.32
C ASN A 771 -32.10 -5.86 -13.09
N GLU A 772 -31.90 -7.17 -13.16
CA GLU A 772 -32.93 -8.16 -12.81
C GLU A 772 -32.78 -8.58 -11.34
N VAL A 773 -33.79 -8.34 -10.53
CA VAL A 773 -33.77 -8.74 -9.12
C VAL A 773 -33.45 -10.22 -8.97
N TRP A 774 -34.13 -11.05 -9.74
CA TRP A 774 -33.99 -12.50 -9.63
C TRP A 774 -32.55 -12.99 -9.92
N LEU A 775 -31.88 -12.37 -10.89
CA LEU A 775 -30.49 -12.72 -11.18
C LEU A 775 -29.54 -12.31 -10.06
N LEU A 776 -29.81 -11.15 -9.46
CA LEU A 776 -29.01 -10.70 -8.31
C LEU A 776 -29.19 -11.61 -7.09
N ASN A 777 -30.41 -12.09 -6.86
CA ASN A 777 -30.64 -12.97 -5.72
C ASN A 777 -30.06 -14.35 -5.95
N ARG A 778 -30.20 -14.86 -7.16
CA ARG A 778 -29.58 -16.11 -7.56
C ARG A 778 -28.06 -16.00 -7.39
N TYR A 779 -27.51 -14.85 -7.76
CA TYR A 779 -26.07 -14.60 -7.64
C TYR A 779 -25.65 -14.60 -6.18
N LEU A 780 -26.40 -13.88 -5.36
CA LEU A 780 -26.17 -13.87 -3.92
C LEU A 780 -26.14 -15.31 -3.35
N GLY A 781 -27.08 -16.14 -3.80
CA GLY A 781 -27.13 -17.54 -3.36
C GLY A 781 -25.88 -18.31 -3.70
N TYR A 782 -25.19 -17.89 -4.77
CA TYR A 782 -23.94 -18.52 -5.15
C TYR A 782 -22.76 -18.12 -4.27
N THR A 783 -22.85 -16.97 -3.62
CA THR A 783 -21.67 -16.42 -2.95
C THR A 783 -21.17 -17.28 -1.81
N LEU A 784 -22.06 -18.10 -1.24
CA LEU A 784 -21.71 -18.94 -0.10
C LEU A 784 -21.32 -20.35 -0.53
N ASN A 785 -21.20 -20.55 -1.84
CA ASN A 785 -20.81 -21.83 -2.38
C ASN A 785 -19.36 -21.77 -2.88
N PRO A 786 -18.45 -22.51 -2.20
CA PRO A 786 -17.03 -22.54 -2.56
C PRO A 786 -16.77 -23.22 -3.89
N ASP A 787 -17.74 -24.02 -4.37
CA ASP A 787 -17.63 -24.61 -5.71
C ASP A 787 -17.82 -23.55 -6.81
N LEU A 788 -18.56 -22.48 -6.51
CA LEU A 788 -18.87 -21.43 -7.50
C LEU A 788 -18.18 -20.10 -7.24
N ILE A 789 -18.13 -19.70 -5.98
CA ILE A 789 -17.46 -18.47 -5.56
C ILE A 789 -16.46 -18.78 -4.44
N ARG A 790 -15.18 -18.59 -4.70
CA ARG A 790 -14.15 -18.78 -3.68
C ARG A 790 -14.55 -18.04 -2.41
N LYS A 791 -14.33 -18.68 -1.26
CA LYS A 791 -14.69 -18.03 0.02
C LYS A 791 -14.05 -16.66 0.16
N GLN A 792 -12.80 -16.55 -0.27
CA GLN A 792 -12.05 -15.28 -0.20
C GLN A 792 -12.64 -14.17 -1.11
N ASP A 793 -13.55 -14.55 -2.00
CA ASP A 793 -14.23 -13.60 -2.89
C ASP A 793 -15.69 -13.36 -2.51
N ALA A 794 -16.15 -14.01 -1.45
CA ALA A 794 -17.57 -14.03 -1.10
C ALA A 794 -18.06 -12.65 -0.69
N THR A 795 -17.36 -12.04 0.28
CA THR A 795 -17.81 -10.75 0.81
C THR A 795 -17.68 -9.65 -0.23
N SER A 796 -16.64 -9.73 -1.04
CA SER A 796 -16.38 -8.77 -2.08
C SER A 796 -17.51 -8.79 -3.15
N THR A 797 -17.94 -9.99 -3.51
CA THR A 797 -19.05 -10.21 -4.44
C THR A 797 -20.36 -9.65 -3.88
N ILE A 798 -20.66 -9.97 -2.62
CA ILE A 798 -21.87 -9.43 -1.97
C ILE A 798 -21.85 -7.90 -2.01
N ASN A 799 -20.68 -7.30 -1.77
CA ASN A 799 -20.51 -5.85 -1.82
C ASN A 799 -20.71 -5.26 -3.20
N SER A 800 -20.19 -5.94 -4.22
CA SER A 800 -20.50 -5.56 -5.60
C SER A 800 -22.00 -5.54 -5.87
N ILE A 801 -22.72 -6.55 -5.36
CA ILE A 801 -24.17 -6.61 -5.52
C ILE A 801 -24.83 -5.45 -4.78
N ALA A 802 -24.35 -5.18 -3.57
CA ALA A 802 -24.85 -4.05 -2.76
C ALA A 802 -24.66 -2.71 -3.45
N SER A 803 -23.56 -2.58 -4.19
CA SER A 803 -23.26 -1.37 -4.95
C SER A 803 -24.29 -1.08 -5.99
N ASN A 804 -24.89 -2.13 -6.55
CA ASN A 804 -26.02 -1.95 -7.45
C ASN A 804 -27.24 -1.44 -6.66
N VAL A 805 -27.77 -0.30 -7.09
CA VAL A 805 -28.87 0.36 -6.38
C VAL A 805 -30.06 -0.60 -6.17
N ILE A 806 -30.26 -1.49 -7.15
CA ILE A 806 -31.27 -2.53 -7.06
C ILE A 806 -30.83 -3.66 -6.12
N GLY A 807 -29.52 -3.94 -6.09
CA GLY A 807 -28.97 -5.00 -5.25
C GLY A 807 -28.80 -4.62 -3.78
N GLN A 808 -28.91 -3.33 -3.48
CA GLN A 808 -28.78 -2.80 -2.12
C GLN A 808 -29.68 -3.51 -1.09
N PRO A 809 -31.01 -3.52 -1.30
CA PRO A 809 -31.88 -4.22 -0.33
C PRO A 809 -31.74 -5.74 -0.35
N LEU A 810 -31.39 -6.30 -1.49
CA LEU A 810 -31.17 -7.76 -1.62
C LEU A 810 -29.95 -8.20 -0.80
N ALA A 811 -28.86 -7.45 -0.93
CA ALA A 811 -27.64 -7.75 -0.19
C ALA A 811 -27.82 -7.54 1.31
N TRP A 812 -28.48 -6.44 1.67
CA TRP A 812 -28.71 -6.10 3.06
C TRP A 812 -29.59 -7.17 3.70
N ASP A 813 -30.64 -7.59 3.01
CA ASP A 813 -31.47 -8.67 3.51
C ASP A 813 -30.68 -9.96 3.62
N PHE A 814 -29.86 -10.23 2.62
CA PHE A 814 -29.07 -11.45 2.60
C PHE A 814 -28.11 -11.49 3.77
N VAL A 815 -27.45 -10.36 4.01
CA VAL A 815 -26.48 -10.29 5.11
C VAL A 815 -27.13 -10.46 6.47
N GLN A 816 -28.21 -9.75 6.73
CA GLN A 816 -28.94 -9.91 7.98
C GLN A 816 -29.39 -11.36 8.12
N SER A 817 -29.94 -11.89 7.03
CA SER A 817 -30.52 -13.22 7.05
C SER A 817 -29.48 -14.30 7.29
N ASN A 818 -28.32 -14.13 6.69
CA ASN A 818 -27.29 -15.14 6.75
C ASN A 818 -26.20 -14.85 7.76
N TRP A 819 -26.41 -13.82 8.59
CA TRP A 819 -25.41 -13.37 9.56
C TRP A 819 -24.79 -14.54 10.34
N LYS A 820 -25.61 -15.55 10.56
CA LYS A 820 -25.21 -16.81 11.18
C LYS A 820 -24.47 -17.70 10.16
N LYS A 821 -23.69 -17.04 9.31
CA LYS A 821 -22.55 -17.66 8.66
C LYS A 821 -21.31 -17.09 9.35
N LEU A 822 -21.52 -16.51 10.53
CA LEU A 822 -20.43 -16.14 11.42
C LEU A 822 -20.04 -17.33 12.31
N PHE A 823 -21.04 -18.11 12.73
CA PHE A 823 -20.76 -19.35 13.47
C PHE A 823 -20.26 -20.48 12.54
N GLN A 824 -19.90 -20.09 11.32
CA GLN A 824 -19.14 -20.93 10.39
C GLN A 824 -18.06 -20.17 9.60
N ASP A 825 -17.67 -18.98 10.06
CA ASP A 825 -16.65 -18.18 9.38
C ASP A 825 -15.84 -17.21 10.25
N TYR A 826 -15.35 -17.67 11.40
CA TYR A 826 -14.30 -16.93 12.13
C TYR A 826 -13.06 -17.82 12.44
N GLY A 827 -13.32 -19.10 12.68
CA GLY A 827 -12.28 -20.07 13.02
C GLY A 827 -11.92 -20.94 11.84
N GLY A 828 -12.64 -20.73 10.74
CA GLY A 828 -12.37 -21.41 9.49
C GLY A 828 -12.31 -20.31 8.47
N GLY A 829 -11.26 -19.51 8.56
CA GLY A 829 -11.13 -18.32 7.76
C GLY A 829 -11.64 -17.09 8.46
N SER A 830 -11.19 -15.94 7.99
CA SER A 830 -11.58 -14.61 8.47
C SER A 830 -12.87 -14.01 7.87
N PHE A 831 -13.02 -14.12 6.56
CA PHE A 831 -14.15 -13.53 5.84
C PHE A 831 -14.01 -12.02 5.70
N SER A 832 -13.90 -11.31 6.82
CA SER A 832 -13.88 -9.85 6.82
C SER A 832 -15.26 -9.23 6.95
N PHE A 833 -15.93 -9.53 8.05
CA PHE A 833 -17.25 -9.04 8.29
C PHE A 833 -17.13 -7.54 8.27
N SER A 834 -16.04 -7.03 8.77
CA SER A 834 -15.82 -5.57 8.77
C SER A 834 -16.10 -4.87 7.44
N ASN A 835 -15.49 -5.38 6.36
CA ASN A 835 -15.61 -4.77 5.03
C ASN A 835 -16.97 -4.95 4.45
N LEU A 836 -17.54 -6.12 4.70
CA LEU A 836 -18.90 -6.43 4.32
C LEU A 836 -19.91 -5.46 4.94
N ILE A 837 -19.82 -5.27 6.25
CA ILE A 837 -20.72 -4.37 6.94
C ILE A 837 -20.62 -2.97 6.35
N GLN A 838 -19.39 -2.48 6.24
CA GLN A 838 -19.16 -1.16 5.69
C GLN A 838 -19.80 -1.03 4.30
N GLY A 839 -19.63 -2.04 3.48
CA GLY A 839 -20.08 -1.97 2.08
C GLY A 839 -21.59 -1.95 1.92
N VAL A 840 -22.23 -2.86 2.62
CA VAL A 840 -23.67 -2.99 2.59
C VAL A 840 -24.44 -1.85 3.29
N THR A 841 -23.80 -1.17 4.24
CA THR A 841 -24.43 -0.08 5.01
C THR A 841 -24.01 1.31 4.54
N ARG A 842 -23.09 1.34 3.59
CA ARG A 842 -22.48 2.55 3.06
C ARG A 842 -23.50 3.63 2.62
N ARG A 843 -24.59 3.18 2.01
CA ARG A 843 -25.64 4.07 1.52
C ARG A 843 -26.51 4.69 2.60
N PHE A 844 -26.61 4.06 3.77
CA PHE A 844 -27.62 4.44 4.77
C PHE A 844 -27.55 5.93 5.13
N SER A 845 -28.68 6.62 4.98
CA SER A 845 -28.72 8.06 5.23
C SER A 845 -30.05 8.57 5.74
N SER A 846 -30.89 7.68 6.26
CA SER A 846 -32.17 8.08 6.81
C SER A 846 -32.36 7.52 8.20
N GLU A 847 -33.17 8.21 9.01
CA GLU A 847 -33.54 7.73 10.34
C GLU A 847 -34.13 6.32 10.26
N PHE A 848 -34.89 6.06 9.20
CA PHE A 848 -35.47 4.75 8.95
C PHE A 848 -34.40 3.66 8.83
N GLU A 849 -33.38 3.92 8.02
CA GLU A 849 -32.32 2.94 7.85
C GLU A 849 -31.48 2.81 9.10
N LEU A 850 -31.34 3.90 9.85
CA LEU A 850 -30.63 3.85 11.13
C LEU A 850 -31.37 2.92 12.11
N GLN A 851 -32.69 3.04 12.19
CA GLN A 851 -33.51 2.17 13.04
C GLN A 851 -33.37 0.70 12.70
N GLN A 852 -33.29 0.38 11.40
CA GLN A 852 -33.09 -0.99 10.91
C GLN A 852 -31.78 -1.56 11.40
N LEU A 853 -30.74 -0.75 11.27
CA LEU A 853 -29.40 -1.16 11.63
C LEU A 853 -29.32 -1.44 13.13
N GLU A 854 -30.03 -0.63 13.93
CA GLU A 854 -30.10 -0.83 15.38
C GLU A 854 -30.81 -2.12 15.71
N GLN A 855 -31.93 -2.36 15.03
CA GLN A 855 -32.69 -3.59 15.19
C GLN A 855 -31.89 -4.85 14.79
N PHE A 856 -31.07 -4.74 13.75
CA PHE A 856 -30.16 -5.84 13.36
C PHE A 856 -29.15 -6.12 14.45
N LYS A 857 -28.55 -5.06 14.97
CA LYS A 857 -27.61 -5.16 16.08
C LYS A 857 -28.23 -5.91 17.26
N LYS A 858 -29.53 -5.79 17.41
CA LYS A 858 -30.26 -6.54 18.43
C LYS A 858 -30.37 -8.06 18.24
N ASN A 859 -29.62 -8.63 17.29
CA ASN A 859 -29.22 -10.04 17.40
C ASN A 859 -27.88 -10.11 18.15
N ASN A 860 -27.83 -9.32 19.21
CA ASN A 860 -26.67 -9.23 20.09
C ASN A 860 -26.44 -10.45 20.92
N MET A 861 -27.54 -11.03 21.38
CA MET A 861 -27.58 -11.78 22.63
C MET A 861 -26.58 -12.88 22.51
N ASP A 862 -26.47 -13.40 21.32
CA ASP A 862 -25.39 -14.28 21.04
C ASP A 862 -25.19 -14.30 19.59
N VAL A 863 -24.06 -14.84 19.19
CA VAL A 863 -23.60 -14.63 17.81
C VAL A 863 -22.58 -13.47 17.74
N GLY A 864 -22.87 -12.36 18.41
CA GLY A 864 -22.01 -11.18 18.37
C GLY A 864 -21.67 -10.84 16.94
N PHE A 865 -20.48 -10.30 16.74
CA PHE A 865 -20.07 -9.86 15.41
C PHE A 865 -18.58 -10.03 15.12
N GLY A 866 -17.93 -10.99 15.78
CA GLY A 866 -16.52 -11.25 15.59
C GLY A 866 -15.60 -10.08 15.24
N SER A 867 -14.90 -10.22 14.12
CA SER A 867 -13.86 -9.31 13.68
C SER A 867 -14.37 -8.03 13.06
N GLY A 868 -15.67 -7.88 12.94
CA GLY A 868 -16.22 -6.62 12.53
C GLY A 868 -17.12 -6.03 13.59
N THR A 869 -17.01 -6.56 14.80
CA THR A 869 -17.83 -6.18 15.94
C THR A 869 -18.23 -4.76 15.97
N ARG A 870 -17.26 -3.87 15.84
CA ARG A 870 -17.46 -2.43 15.90
C ARG A 870 -17.55 -1.84 14.50
N ALA A 871 -17.12 -2.61 13.50
CA ALA A 871 -17.33 -2.24 12.10
C ALA A 871 -18.83 -2.04 11.95
N LEU A 872 -19.51 -2.44 13.02
CA LEU A 872 -20.91 -2.17 13.23
C LEU A 872 -21.19 -0.89 14.02
N GLU A 873 -20.35 -0.54 14.98
CA GLU A 873 -20.51 0.73 15.70
C GLU A 873 -20.22 1.86 14.75
N GLN A 874 -19.16 1.69 13.96
CA GLN A 874 -18.76 2.64 12.94
C GLN A 874 -19.90 2.89 11.95
N ALA A 875 -20.64 1.83 11.61
CA ALA A 875 -21.79 1.92 10.72
C ALA A 875 -22.92 2.76 11.29
N LEU A 876 -23.16 2.64 12.60
CA LEU A 876 -24.17 3.46 13.25
C LEU A 876 -23.78 4.92 13.25
N GLU A 877 -22.52 5.22 13.61
CA GLU A 877 -22.07 6.59 13.66
C GLU A 877 -21.97 7.21 12.26
N LYS A 878 -21.54 6.42 11.28
CA LYS A 878 -21.49 6.87 9.89
C LYS A 878 -22.88 7.22 9.34
N THR A 879 -23.86 6.39 9.65
CA THR A 879 -25.23 6.63 9.21
C THR A 879 -25.80 7.92 9.80
N LYS A 880 -25.49 8.19 11.07
CA LYS A 880 -25.90 9.44 11.70
C LYS A 880 -25.30 10.63 11.00
N ALA A 881 -24.00 10.54 10.69
CA ALA A 881 -23.33 11.61 9.97
C ALA A 881 -23.91 11.77 8.57
N ASN A 882 -24.29 10.65 7.94
CA ASN A 882 -24.96 10.70 6.63
C ASN A 882 -26.34 11.34 6.67
N ILE A 883 -27.14 10.96 7.67
CA ILE A 883 -28.46 11.56 7.86
C ILE A 883 -28.30 13.07 7.92
N LYS A 884 -27.34 13.52 8.72
CA LYS A 884 -27.12 14.94 8.95
C LYS A 884 -26.64 15.68 7.69
N TRP A 885 -25.71 15.08 6.97
CA TRP A 885 -25.19 15.69 5.76
C TRP A 885 -26.28 15.81 4.68
N VAL A 886 -27.05 14.75 4.48
CA VAL A 886 -28.14 14.72 3.48
C VAL A 886 -29.17 15.80 3.81
N LYS A 887 -29.50 15.94 5.09
CA LYS A 887 -30.43 16.96 5.55
C LYS A 887 -29.95 18.39 5.27
N GLU A 888 -28.67 18.65 5.47
CA GLU A 888 -28.14 19.99 5.26
C GLU A 888 -27.91 20.30 3.79
N ASN A 889 -27.77 19.26 2.97
CA ASN A 889 -27.27 19.43 1.58
C ASN A 889 -28.24 19.13 0.44
N LYS A 890 -29.28 18.36 0.75
CA LYS A 890 -30.18 17.84 -0.26
C LYS A 890 -30.74 18.92 -1.20
N GLU A 891 -31.33 19.96 -0.60
CA GLU A 891 -32.01 21.03 -1.35
C GLU A 891 -31.06 21.78 -2.26
N VAL A 892 -29.97 22.24 -1.67
CA VAL A 892 -28.96 23.01 -2.34
C VAL A 892 -28.37 22.22 -3.52
N VAL A 893 -28.06 20.95 -3.27
CA VAL A 893 -27.45 20.12 -4.32
C VAL A 893 -28.44 19.81 -5.46
N LEU A 894 -29.66 19.46 -5.10
CA LEU A 894 -30.72 19.27 -6.08
C LEU A 894 -30.82 20.42 -7.07
N ASN A 895 -30.95 21.63 -6.53
CA ASN A 895 -31.16 22.82 -7.34
C ASN A 895 -29.95 23.19 -8.16
N TRP A 896 -28.76 22.88 -7.64
CA TRP A 896 -27.54 23.13 -8.40
C TRP A 896 -27.46 22.22 -9.64
N PHE A 897 -27.71 20.92 -9.46
CA PHE A 897 -27.71 20.01 -10.61
C PHE A 897 -28.80 20.35 -11.63
N ILE A 898 -29.98 20.69 -11.14
CA ILE A 898 -31.09 21.10 -12.01
C ILE A 898 -30.64 22.33 -12.76
N GLU A 899 -30.12 23.26 -12.02
CA GLU A 899 -29.72 24.50 -12.59
C GLU A 899 -28.63 24.32 -13.62
N HIS A 900 -27.78 23.31 -13.46
CA HIS A 900 -26.65 23.17 -14.36
C HIS A 900 -26.68 22.05 -15.37
N SER A 901 -27.77 21.32 -15.45
CA SER A 901 -27.89 20.24 -16.41
C SER A 901 -28.63 20.66 -17.67
N SER A 902 -28.78 21.97 -17.88
CA SER A 902 -29.46 22.50 -19.05
C SER A 902 -30.96 22.26 -18.95
N CYS B 1 7.97 -4.12 3.91
CA CYS B 1 6.79 -4.68 3.33
C CYS B 1 5.92 -3.61 2.66
N ASN B 2 5.15 -4.01 1.65
CA ASN B 2 4.17 -3.11 1.01
C ASN B 2 2.86 -3.85 0.75
N GLY B 3 1.74 -3.21 1.03
CA GLY B 3 0.45 -3.85 0.90
C GLY B 3 -0.17 -3.98 2.27
N ARG B 4 -0.35 -5.22 2.72
CA ARG B 4 -0.86 -5.57 4.03
C ARG B 4 0.21 -6.00 5.03
N CYS B 5 0.77 -5.06 5.76
CA CYS B 5 1.98 -5.32 6.50
C CYS B 5 1.81 -5.28 8.02
N GLY B 6 2.70 -5.96 8.71
CA GLY B 6 2.73 -6.03 10.16
C GLY B 6 4.11 -6.48 10.53
C1 NAG C . 29.78 -22.14 9.67
C2 NAG C . 30.85 -22.77 10.55
C3 NAG C . 32.19 -22.79 9.84
C4 NAG C . 32.06 -23.52 8.51
C5 NAG C . 30.97 -22.82 7.69
C6 NAG C . 30.62 -23.51 6.37
C7 NAG C . 31.02 -22.48 12.97
C8 NAG C . 31.14 -21.51 14.11
N2 NAG C . 30.97 -21.97 11.74
O3 NAG C . 33.00 -23.54 10.68
O4 NAG C . 33.34 -23.47 7.91
O5 NAG C . 29.79 -22.86 8.44
O6 NAG C . 30.45 -24.89 6.57
O7 NAG C . 31.00 -23.67 13.23
C1 NAG C . 33.78 -24.76 7.40
C2 NAG C . 34.90 -24.36 6.47
C3 NAG C . 35.89 -25.45 6.05
C4 NAG C . 35.70 -26.86 6.63
C5 NAG C . 34.51 -26.96 7.60
C6 NAG C . 34.70 -28.12 8.57
C7 NAG C . 34.76 -22.31 5.20
C8 NAG C . 35.76 -21.64 6.08
N2 NAG C . 34.38 -23.57 5.39
O3 NAG C . 37.17 -25.00 6.42
O4 NAG C . 35.58 -27.74 5.51
O5 NAG C . 34.30 -25.74 8.30
O6 NAG C . 34.48 -27.67 9.91
O7 NAG C . 34.29 -21.68 4.27
C1 NAG D . 6.43 -29.14 19.54
C2 NAG D . 5.81 -29.92 18.38
C3 NAG D . 4.30 -30.00 18.65
C4 NAG D . 4.00 -30.59 20.04
C5 NAG D . 4.81 -29.82 21.10
C6 NAG D . 4.73 -30.38 22.50
C7 NAG D . 6.94 -29.72 16.16
C8 NAG D . 7.06 -28.91 14.92
N2 NAG D . 6.09 -29.27 17.09
O3 NAG D . 3.67 -30.71 17.59
O4 NAG D . 2.61 -30.42 20.27
O5 NAG D . 6.18 -29.81 20.77
O6 NAG D . 5.62 -31.45 22.62
O7 NAG D . 7.61 -30.74 16.24
C1 NAG D . 1.93 -31.56 20.82
C2 NAG D . 0.70 -31.02 21.56
C3 NAG D . -0.59 -31.86 21.50
C4 NAG D . -0.50 -33.28 20.94
C5 NAG D . 0.94 -33.64 20.52
C6 NAG D . 1.00 -34.80 19.54
C7 NAG D . 1.30 -29.61 23.45
C8 NAG D . 1.80 -29.56 24.87
N2 NAG D . 1.16 -30.82 22.92
O3 NAG D . -1.60 -31.16 20.80
O4 NAG D . -1.02 -34.12 21.97
O5 NAG D . 1.58 -32.53 19.87
O6 NAG D . 0.81 -34.30 18.23
O7 NAG D . 1.02 -28.58 22.85
C1 NAG E . 30.19 -17.44 7.65
C2 NAG E . 30.95 -17.61 8.97
C3 NAG E . 32.14 -16.64 9.00
C4 NAG E . 33.01 -16.86 7.77
C5 NAG E . 32.12 -16.72 6.54
C6 NAG E . 32.88 -16.66 5.22
C7 NAG E . 30.03 -18.23 11.09
C8 NAG E . 29.09 -17.99 12.22
N2 NAG E . 30.04 -17.37 10.07
O3 NAG E . 32.92 -16.93 10.12
O4 NAG E . 33.98 -15.83 7.74
O5 NAG E . 31.10 -17.70 6.55
O6 NAG E . 33.34 -17.94 4.96
O7 NAG E . 30.73 -19.22 11.16
C1 NAG E . 35.29 -16.25 8.12
C2 NAG E . 36.35 -15.28 7.58
C3 NAG E . 37.74 -15.58 8.15
C4 NAG E . 37.68 -15.72 9.66
C5 NAG E . 36.64 -16.80 9.95
C6 NAG E . 36.55 -17.15 11.42
C7 NAG E . 35.80 -14.30 5.43
C8 NAG E . 35.83 -14.38 3.93
N2 NAG E . 36.36 -15.29 6.13
O3 NAG E . 38.61 -14.53 7.86
O4 NAG E . 38.95 -16.03 10.20
O5 NAG E . 35.36 -16.33 9.51
O6 NAG E . 35.87 -16.11 12.06
O7 NAG E . 35.28 -13.35 6.00
C1 NAG F . 10.20 -33.95 -7.74
C2 NAG F . 9.29 -33.85 -8.99
C3 NAG F . 7.89 -34.15 -8.44
C4 NAG F . 7.87 -35.54 -7.80
C5 NAG F . 8.99 -35.75 -6.80
C6 NAG F . 9.13 -37.19 -6.31
C7 NAG F . 10.14 -32.07 -10.48
C8 NAG F . 10.11 -30.63 -10.91
N2 NAG F . 9.32 -32.46 -9.49
O3 NAG F . 6.91 -34.04 -9.46
O4 NAG F . 6.66 -35.62 -7.10
O5 NAG F . 10.24 -35.30 -7.29
O6 NAG F . 9.07 -38.15 -7.35
O7 NAG F . 10.92 -32.82 -11.03
C1 NAG F . 5.79 -36.65 -7.58
C2 NAG F . 4.69 -36.70 -6.52
C3 NAG F . 3.50 -37.54 -6.99
C4 NAG F . 3.11 -37.22 -8.44
C5 NAG F . 4.32 -37.24 -9.37
C6 NAG F . 3.93 -36.79 -10.78
C7 NAG F . 5.45 -36.40 -4.19
C8 NAG F . 6.01 -37.06 -2.96
N2 NAG F . 5.24 -37.18 -5.25
O3 NAG F . 2.42 -37.22 -6.15
O4 NAG F . 2.13 -38.13 -8.89
O5 NAG F . 5.28 -36.34 -8.86
O6 NAG F . 4.92 -37.08 -11.69
O7 NAG F . 5.21 -35.18 -4.16
C1 NAG G . 9.56 -6.11 -23.00
C2 NAG G . 8.11 -5.88 -23.44
C3 NAG G . 7.90 -6.14 -24.93
C4 NAG G . 8.89 -5.35 -25.77
C5 NAG G . 10.29 -5.63 -25.21
C6 NAG G . 11.42 -4.94 -25.94
C7 NAG G . 6.14 -6.08 -22.08
C8 NAG G . 5.19 -7.00 -21.38
N2 NAG G . 7.15 -6.67 -22.71
O3 NAG G . 6.61 -5.80 -25.34
O4 NAG G . 8.89 -5.92 -27.02
O5 NAG G . 10.34 -5.27 -23.85
O6 NAG G . 11.28 -3.54 -25.86
O7 NAG G . 5.99 -4.85 -21.99
C1 NAG G . 7.95 -5.45 -28.01
C2 NAG G . 8.52 -5.83 -29.36
C3 NAG G . 7.60 -5.37 -30.51
C4 NAG G . 6.09 -5.53 -30.28
C5 NAG G . 5.73 -5.37 -28.78
C6 NAG G . 4.32 -5.81 -28.46
C7 NAG G . 11.00 -5.98 -29.47
C8 NAG G . 12.28 -5.19 -29.56
N2 NAG G . 9.87 -5.25 -29.46
O3 NAG G . 7.94 -6.02 -31.72
O4 NAG G . 5.42 -4.47 -30.94
O5 NAG G . 6.66 -6.02 -27.93
O6 NAG G . 4.07 -7.12 -28.91
O7 NAG G . 11.05 -7.20 -29.39
C1 NAG H . 28.99 9.84 -6.64
C2 NAG H . 29.29 9.12 -7.93
C3 NAG H . 30.52 9.76 -8.61
C4 NAG H . 30.52 11.29 -8.64
C5 NAG H . 30.13 11.80 -7.26
C6 NAG H . 30.18 13.33 -7.05
C7 NAG H . 28.58 6.75 -7.82
C8 NAG H . 29.03 5.39 -7.41
N2 NAG H . 29.47 7.72 -7.64
O3 NAG H . 30.64 9.41 -9.96
O4 NAG H . 31.85 11.70 -8.94
O5 NAG H . 28.86 11.22 -6.96
O6 NAG H . 29.33 14.04 -7.94
O7 NAG H . 27.49 6.92 -8.28
C1 NAG H . 31.89 12.67 -9.98
C2 NAG H . 33.25 13.38 -9.91
C3 NAG H . 33.39 14.35 -11.05
C4 NAG H . 33.25 13.55 -12.33
C5 NAG H . 31.91 12.82 -12.36
C6 NAG H . 31.72 11.90 -13.56
C7 NAG H . 34.22 13.63 -7.73
C8 NAG H . 34.32 14.42 -6.49
N2 NAG H . 33.45 14.10 -8.67
O3 NAG H . 34.67 14.98 -11.00
O4 NAG H . 33.33 14.42 -13.46
O5 NAG H . 31.78 11.99 -11.21
O6 NAG H . 32.71 12.14 -14.56
O7 NAG H . 34.81 12.58 -7.85
C1 NAG I . 23.77 1.15 15.20
C2 NAG I . 24.92 0.24 15.57
C3 NAG I . 26.15 0.99 16.09
C4 NAG I . 26.66 2.10 15.19
C5 NAG I . 25.43 2.95 14.87
C6 NAG I . 25.80 4.01 13.82
C7 NAG I . 24.53 -1.90 16.53
C8 NAG I . 23.93 -2.72 17.63
N2 NAG I . 24.37 -0.59 16.62
O3 NAG I . 27.20 0.05 16.33
O4 NAG I . 27.72 2.80 15.86
O5 NAG I . 24.36 2.15 14.36
O6 NAG I . 24.77 4.95 13.68
O7 NAG I . 25.19 -2.41 15.62
C1 NAG I . 28.97 3.01 15.10
C2 NAG I . 29.83 4.16 15.68
C3 NAG I . 31.22 4.36 15.01
C4 NAG I . 31.91 3.02 14.74
C5 NAG I . 30.88 2.15 14.03
C6 NAG I . 31.48 0.94 13.30
C7 NAG I . 28.35 5.80 16.72
C8 NAG I . 28.46 5.05 17.99
N2 NAG I . 29.02 5.38 15.66
O3 NAG I . 32.02 5.13 15.86
O4 NAG I . 33.10 3.20 13.98
O5 NAG I . 29.81 1.87 14.94
O6 NAG I . 31.12 -0.25 13.95
O7 NAG I . 27.63 6.79 16.67
C1 NAG J . 4.36 20.97 -12.33
C2 NAG J . 5.74 21.46 -12.68
C3 NAG J . 5.90 21.26 -14.19
C4 NAG J . 5.73 19.80 -14.56
C5 NAG J . 4.37 19.40 -14.09
C6 NAG J . 4.14 17.95 -14.48
C7 NAG J . 6.60 23.08 -11.15
C8 NAG J . 6.68 24.47 -10.67
N2 NAG J . 5.93 22.83 -12.25
O3 NAG J . 7.16 21.68 -14.63
O4 NAG J . 5.77 19.65 -15.97
O5 NAG J . 4.28 19.62 -12.70
O6 NAG J . 2.79 17.52 -14.36
O7 NAG J . 7.18 22.23 -10.53
C1 NAG J . 7.03 19.36 -16.58
C2 NAG J . 6.69 19.43 -18.07
C3 NAG J . 7.93 19.17 -18.92
C4 NAG J . 8.92 20.27 -18.61
C5 NAG J . 9.24 20.27 -17.12
C6 NAG J . 10.15 21.42 -16.76
C7 NAG J . 4.45 19.46 -18.76
C8 NAG J . 3.28 18.64 -19.16
N2 NAG J . 5.51 18.72 -18.42
O3 NAG J . 7.61 19.33 -20.31
O4 NAG J . 10.05 20.04 -19.43
O5 NAG J . 8.00 20.40 -16.40
O6 NAG J . 9.38 22.62 -16.80
O7 NAG J . 4.40 20.68 -18.73
ZN ZN K . 8.30 -0.79 1.45
C1 NAG L . -5.15 41.61 7.45
C2 NAG L . -6.55 41.74 8.05
C3 NAG L . -6.68 43.15 8.63
C4 NAG L . -5.55 43.49 9.61
C5 NAG L . -4.21 43.08 8.97
C6 NAG L . -3.01 43.42 9.88
C7 NAG L . -8.22 40.26 6.85
C8 NAG L . -7.86 38.96 7.53
N2 NAG L . -7.61 41.43 7.11
O3 NAG L . -7.92 43.26 9.27
O4 NAG L . -5.50 44.87 9.99
O5 NAG L . -4.30 41.73 8.58
O6 NAG L . -2.18 42.29 10.16
O7 NAG L . -9.10 40.21 6.01
C1 NAG M . -3.90 29.15 -23.94
C2 NAG M . -3.54 29.71 -25.33
C3 NAG M . -2.20 29.24 -25.91
C4 NAG M . -1.08 29.14 -24.88
C5 NAG M . -1.61 28.42 -23.64
C6 NAG M . -0.55 28.27 -22.58
C7 NAG M . -5.64 30.25 -26.48
C8 NAG M . -6.66 29.85 -27.50
N2 NAG M . -4.60 29.43 -26.29
O3 NAG M . -1.79 30.13 -26.90
O4 NAG M . 0.03 28.47 -25.45
O5 NAG M . -2.72 29.16 -23.14
O6 NAG M . -0.21 29.53 -22.05
O7 NAG M . -5.78 31.31 -25.86
S SO4 N . 8.24 15.06 -7.66
O1 SO4 N . 9.41 14.28 -7.12
O2 SO4 N . 6.93 14.30 -7.73
O3 SO4 N . 7.98 16.28 -6.81
O4 SO4 N . 8.57 15.56 -9.04
S SO4 O . -34.56 -12.48 -19.91
O1 SO4 O . -34.13 -13.83 -20.39
O2 SO4 O . -36.02 -12.48 -19.59
O3 SO4 O . -33.79 -12.11 -18.67
O4 SO4 O . -34.33 -11.52 -21.05
S SO4 P . -2.31 -13.76 -6.72
O1 SO4 P . -2.01 -15.25 -6.72
O2 SO4 P . -3.12 -13.48 -7.97
O3 SO4 P . -1.05 -12.99 -6.72
O4 SO4 P . -3.09 -13.37 -5.49
S SO4 Q . 19.09 -29.92 10.08
O1 SO4 Q . 18.08 -30.99 10.51
O2 SO4 Q . 18.93 -29.72 8.61
O3 SO4 Q . 20.56 -30.24 10.31
O4 SO4 Q . 18.77 -28.68 10.82
S SO4 R . 18.80 2.96 -18.12
O1 SO4 R . 19.46 1.62 -17.88
O2 SO4 R . 17.30 2.83 -18.21
O3 SO4 R . 19.24 3.94 -17.06
O4 SO4 R . 19.27 3.47 -19.46
S SO4 S . -0.49 0.64 4.24
O1 SO4 S . 0.12 -0.36 3.28
O2 SO4 S . -1.85 0.18 4.68
O3 SO4 S . 0.37 0.77 5.44
O4 SO4 S . -0.67 1.93 3.47
S SO4 T . -7.94 4.13 -13.97
O1 SO4 T . -8.21 2.68 -14.31
O2 SO4 T . -9.23 4.93 -13.64
O3 SO4 T . -6.96 4.18 -12.84
O4 SO4 T . -7.25 4.79 -15.10
S SO4 U . -4.34 2.10 7.32
O1 SO4 U . -4.15 1.51 5.95
O2 SO4 U . -4.62 0.95 8.26
O3 SO4 U . -5.42 3.20 7.38
O4 SO4 U . -3.12 2.74 7.81
S SO4 V . 12.82 -0.37 10.42
O1 SO4 V . 12.21 -1.68 10.18
O2 SO4 V . 14.21 -0.90 10.65
O3 SO4 V . 12.27 0.43 11.55
O4 SO4 V . 12.44 0.46 9.22
S SO4 W . -7.40 -3.52 -13.54
O1 SO4 W . -6.72 -4.77 -13.72
O2 SO4 W . -8.54 -3.76 -12.68
O3 SO4 W . -7.82 -2.99 -14.80
O4 SO4 W . -6.54 -2.58 -12.86
#